data_9FPG
#
_entry.id   9FPG
#
_cell.length_a   112.400
_cell.length_b   75.460
_cell.length_c   71.160
_cell.angle_alpha   90.00
_cell.angle_beta   111.30
_cell.angle_gamma   90.00
#
_symmetry.space_group_name_H-M   'C 1 2 1'
#
loop_
_entity.id
_entity.type
_entity.pdbx_description
1 polymer 'Carbon monoxide dehydrogenase 2'
2 non-polymer 'IRON/SULFUR CLUSTER'
3 non-polymer 'FE2/S2 (INORGANIC) CLUSTER'
4 non-polymer 'FE(3)-NI(1)-S(4) CLUSTER'
5 non-polymer 'FE (III) ION'
6 non-polymer DI(HYDROXYETHYL)ETHER
7 water water
#
_entity_poly.entity_id   1
_entity_poly.type   'polypeptide(L)'
_entity_poly.pdbx_seq_one_letter_code
;MARQNLKSTDRAVQQMLDKAKREGIQTVWDRYEAMKPQCGFGETGLCCRHCLQGPCRINPFGDEPKVGICGATAEVIVAR
GLDRSIAAGAAGHSGHAKHLAHTLKKAVQGKAASYMIKDRTKLHSIAKRLGIPTEGQKDEDIALEVAKAALADFHEKDTP
VLWVTTVLPPSRVKVLSAHGLIPAGIDHEIAEIMHRTSMGCDADAQNLLLGGLRCSLADLAGCYMGTDLADILFGTPAPV
VTESNLGVLKADAVNVAVHGHNPVLSDIIVSVSKEMENEARAAGATGINVVGICCTGNEVLMRHGIPACTHSVSQEMAMI
TGALDAMILDYQCIQPSVATIAECTGTTVITTMEMSKITGATHVNFAEEAAVENAKQILRLAIDTFKRRKGKPVEIPNIK
TKVVAGFSTEAIINALSKLNANDPLKPLIDNVVNGNIRGVCLFAGCNNVKVPQDQNFTTIARKLLKQNVLVVATGCGAGA
LMRHGFMDPANVDELCGDGLKAVLTAIGEANGLGGPLPPVLHMGSCVDNSRAVALVAALANRLGVDLDRLPVVASAAEAM
HEKAVAIGTWAVTIGLPTHIGVLPPITGSLPVTQILTSSVKDITGGYFIVELDPETAADKLLAAINERRAGLGLPW
;
_entity_poly.pdbx_strand_id   X
#
loop_
_chem_comp.id
_chem_comp.type
_chem_comp.name
_chem_comp.formula
FE non-polymer 'FE (III) ION' 'Fe 3'
FES non-polymer 'FE2/S2 (INORGANIC) CLUSTER' 'Fe2 S2'
PEG non-polymer DI(HYDROXYETHYL)ETHER 'C4 H10 O3'
SF4 non-polymer 'IRON/SULFUR CLUSTER' 'Fe4 S4'
WCC non-polymer 'FE(3)-NI(1)-S(4) CLUSTER' 'Fe3 Ni S4'
#
# COMPACT_ATOMS: atom_id res chain seq x y z
N GLN A 4 -12.43 -24.00 6.07
CA GLN A 4 -12.05 -22.59 6.19
C GLN A 4 -10.71 -22.35 5.50
N ASN A 5 -10.06 -23.45 5.08
CA ASN A 5 -8.82 -23.38 4.31
C ASN A 5 -9.06 -22.92 2.89
N LEU A 6 -10.29 -23.11 2.39
CA LEU A 6 -10.66 -22.44 1.15
C LEU A 6 -10.75 -20.93 1.34
N LYS A 7 -11.03 -20.48 2.57
N LYS A 7 -11.04 -20.47 2.56
CA LYS A 7 -11.23 -19.05 2.80
CA LYS A 7 -11.23 -19.05 2.78
C LYS A 7 -9.93 -18.32 3.07
C LYS A 7 -9.91 -18.33 3.05
N SER A 8 -9.10 -18.85 3.97
CA SER A 8 -7.84 -18.22 4.32
C SER A 8 -6.78 -19.27 4.59
N THR A 9 -5.55 -19.00 4.16
CA THR A 9 -4.42 -19.87 4.52
C THR A 9 -3.83 -19.52 5.88
N ASP A 10 -4.32 -18.47 6.53
CA ASP A 10 -3.86 -18.05 7.86
C ASP A 10 -4.60 -18.86 8.92
N ARG A 11 -3.84 -19.63 9.71
N ARG A 11 -3.85 -19.62 9.72
CA ARG A 11 -4.44 -20.52 10.70
CA ARG A 11 -4.49 -20.52 10.68
C ARG A 11 -5.18 -19.74 11.79
C ARG A 11 -5.16 -19.77 11.82
N ALA A 12 -4.70 -18.56 12.14
CA ALA A 12 -5.39 -17.77 13.15
C ALA A 12 -6.72 -17.28 12.62
N VAL A 13 -6.75 -16.91 11.34
CA VAL A 13 -7.99 -16.52 10.69
C VAL A 13 -8.96 -17.71 10.62
N GLN A 14 -8.45 -18.89 10.27
CA GLN A 14 -9.30 -20.08 10.25
C GLN A 14 -9.95 -20.31 11.61
N GLN A 15 -9.18 -20.14 12.69
CA GLN A 15 -9.74 -20.36 14.02
C GLN A 15 -10.86 -19.37 14.32
N MET A 16 -10.67 -18.10 13.95
CA MET A 16 -11.70 -17.10 14.19
C MET A 16 -12.89 -17.28 13.24
N LEU A 17 -12.66 -17.80 12.04
CA LEU A 17 -13.80 -18.12 11.18
C LEU A 17 -14.69 -19.19 11.81
N ASP A 18 -14.08 -20.17 12.48
CA ASP A 18 -14.89 -21.17 13.18
C ASP A 18 -15.68 -20.53 14.31
N LYS A 19 -15.08 -19.60 15.04
CA LYS A 19 -15.78 -18.93 16.14
C LYS A 19 -16.93 -18.07 15.59
N ALA A 20 -16.66 -17.30 14.54
CA ALA A 20 -17.72 -16.50 13.93
C ALA A 20 -18.89 -17.37 13.46
N LYS A 21 -18.58 -18.53 12.88
CA LYS A 21 -19.64 -19.40 12.41
C LYS A 21 -20.51 -19.89 13.58
N ARG A 22 -19.88 -20.39 14.64
CA ARG A 22 -20.73 -20.92 15.70
C ARG A 22 -21.47 -19.82 16.46
N GLU A 23 -20.99 -18.58 16.41
CA GLU A 23 -21.67 -17.43 17.02
C GLU A 23 -22.65 -16.74 16.07
N GLY A 24 -22.73 -17.18 14.82
CA GLY A 24 -23.65 -16.56 13.88
C GLY A 24 -23.27 -15.18 13.42
N ILE A 25 -21.99 -14.83 13.46
CA ILE A 25 -21.54 -13.52 13.01
C ILE A 25 -21.13 -13.62 11.55
N GLN A 26 -21.84 -12.90 10.70
CA GLN A 26 -21.54 -12.88 9.28
C GLN A 26 -20.22 -12.20 9.00
N THR A 27 -19.44 -12.79 8.10
CA THR A 27 -18.13 -12.27 7.73
C THR A 27 -18.12 -11.90 6.25
N VAL A 28 -17.00 -11.30 5.85
CA VAL A 28 -16.76 -10.96 4.44
C VAL A 28 -16.90 -12.18 3.54
N TRP A 29 -16.44 -13.35 3.98
CA TRP A 29 -16.56 -14.54 3.16
C TRP A 29 -18.02 -14.98 3.01
N ASP A 30 -18.81 -14.80 4.06
CA ASP A 30 -20.23 -15.11 3.98
C ASP A 30 -20.95 -14.14 3.04
N ARG A 31 -20.59 -12.86 3.10
CA ARG A 31 -21.21 -11.87 2.22
C ARG A 31 -20.81 -12.11 0.77
N TYR A 32 -19.59 -12.60 0.53
CA TYR A 32 -19.17 -13.00 -0.81
C TYR A 32 -19.99 -14.18 -1.31
N GLU A 33 -20.15 -15.21 -0.50
N GLU A 33 -20.15 -15.22 -0.50
CA GLU A 33 -20.94 -16.36 -0.92
CA GLU A 33 -20.95 -16.37 -0.94
C GLU A 33 -22.35 -15.93 -1.30
C GLU A 33 -22.36 -15.94 -1.30
N ALA A 34 -22.94 -15.01 -0.54
CA ALA A 34 -24.29 -14.55 -0.79
C ALA A 34 -24.40 -13.76 -2.08
N MET A 35 -23.28 -13.26 -2.59
CA MET A 35 -23.25 -12.47 -3.82
C MET A 35 -23.09 -13.31 -5.07
N LYS A 36 -22.80 -14.60 -4.93
CA LYS A 36 -22.56 -15.43 -6.09
C LYS A 36 -23.88 -15.90 -6.70
N PRO A 37 -23.95 -16.03 -8.03
CA PRO A 37 -22.93 -15.66 -9.03
C PRO A 37 -22.92 -14.15 -9.24
N GLN A 38 -21.74 -13.56 -9.35
CA GLN A 38 -21.62 -12.13 -9.55
C GLN A 38 -21.92 -11.77 -11.01
N CYS A 39 -22.27 -10.50 -11.22
CA CYS A 39 -22.69 -10.06 -12.54
C CYS A 39 -21.53 -10.13 -13.53
N GLY A 40 -21.75 -10.84 -14.63
CA GLY A 40 -20.70 -10.98 -15.62
C GLY A 40 -20.42 -9.72 -16.45
N PHE A 41 -21.43 -8.87 -16.61
CA PHE A 41 -21.20 -7.59 -17.28
C PHE A 41 -20.21 -6.74 -16.49
N GLY A 42 -20.42 -6.66 -15.18
CA GLY A 42 -19.48 -5.92 -14.35
C GLY A 42 -18.11 -6.58 -14.28
N GLU A 43 -18.09 -7.90 -14.19
CA GLU A 43 -16.81 -8.62 -14.07
C GLU A 43 -15.90 -8.33 -15.27
N THR A 44 -16.49 -8.27 -16.48
CA THR A 44 -15.77 -8.09 -17.72
C THR A 44 -15.57 -6.62 -18.08
N GLY A 45 -16.17 -5.71 -17.34
CA GLY A 45 -16.10 -4.30 -17.62
C GLY A 45 -17.15 -3.77 -18.56
N LEU A 46 -18.06 -4.61 -19.02
CA LEU A 46 -19.04 -4.23 -20.05
C LEU A 46 -20.35 -3.74 -19.41
N CYS A 47 -20.21 -2.72 -18.57
CA CYS A 47 -21.34 -2.03 -17.96
C CYS A 47 -20.97 -0.57 -17.81
N CYS A 48 -21.91 0.32 -18.10
CA CYS A 48 -21.69 1.75 -17.94
C CYS A 48 -22.93 2.37 -17.30
N ARG A 49 -22.70 3.17 -16.26
CA ARG A 49 -23.73 3.97 -15.61
C ARG A 49 -23.34 5.46 -15.59
N HIS A 50 -22.64 5.92 -16.62
CA HIS A 50 -22.15 7.30 -16.61
C HIS A 50 -23.22 8.32 -17.01
N CYS A 51 -24.43 7.90 -17.32
CA CYS A 51 -25.53 8.86 -17.47
C CYS A 51 -26.85 8.19 -17.17
N LEU A 52 -27.90 9.01 -17.10
CA LEU A 52 -29.23 8.52 -16.71
C LEU A 52 -30.00 7.86 -17.85
N GLN A 53 -29.40 7.70 -19.04
CA GLN A 53 -29.95 6.81 -20.03
C GLN A 53 -29.62 5.36 -19.74
N GLY A 54 -28.60 5.10 -18.91
CA GLY A 54 -28.22 3.77 -18.56
C GLY A 54 -29.14 3.22 -17.49
N PRO A 55 -28.79 2.06 -16.95
CA PRO A 55 -27.52 1.36 -17.18
C PRO A 55 -27.44 0.73 -18.55
N CYS A 56 -26.24 0.80 -19.13
CA CYS A 56 -25.94 0.16 -20.38
C CYS A 56 -25.03 -1.03 -20.11
N ARG A 57 -25.21 -2.08 -20.89
CA ARG A 57 -24.35 -3.24 -20.82
C ARG A 57 -24.12 -3.71 -22.24
N ILE A 58 -23.06 -4.50 -22.42
CA ILE A 58 -22.75 -5.12 -23.70
C ILE A 58 -22.51 -6.60 -23.44
N ASN A 59 -23.16 -7.46 -24.23
CA ASN A 59 -22.90 -8.90 -24.09
C ASN A 59 -21.46 -9.19 -24.48
N PRO A 60 -20.67 -9.87 -23.64
CA PRO A 60 -19.32 -10.27 -24.08
C PRO A 60 -19.34 -10.99 -25.42
N PHE A 61 -20.29 -11.90 -25.62
CA PHE A 61 -20.44 -12.65 -26.85
C PHE A 61 -21.91 -12.83 -27.16
N GLY A 62 -22.22 -12.97 -28.44
CA GLY A 62 -23.57 -13.23 -28.86
C GLY A 62 -24.21 -12.08 -29.61
N ASP A 63 -25.44 -11.77 -29.26
CA ASP A 63 -26.26 -10.81 -29.99
C ASP A 63 -26.38 -9.52 -29.16
N GLU A 64 -27.36 -8.68 -29.51
CA GLU A 64 -27.49 -7.39 -28.87
CA GLU A 64 -27.48 -7.38 -28.87
C GLU A 64 -27.88 -7.54 -27.41
N PRO A 65 -27.50 -6.59 -26.55
CA PRO A 65 -26.83 -5.33 -26.92
C PRO A 65 -25.34 -5.46 -27.22
N LYS A 66 -24.92 -4.74 -28.26
CA LYS A 66 -23.54 -4.72 -28.73
C LYS A 66 -22.85 -3.38 -28.48
N VAL A 67 -23.59 -2.34 -28.13
CA VAL A 67 -23.07 -0.99 -28.04
CA VAL A 67 -23.09 -0.97 -28.08
C VAL A 67 -23.92 -0.22 -27.05
N GLY A 68 -23.30 0.77 -26.40
CA GLY A 68 -24.02 1.61 -25.48
C GLY A 68 -25.04 2.49 -26.19
N ILE A 69 -25.99 3.01 -25.41
CA ILE A 69 -27.08 3.78 -25.97
C ILE A 69 -26.57 5.00 -26.71
N CYS A 70 -25.57 5.69 -26.16
CA CYS A 70 -25.01 6.86 -26.81
C CYS A 70 -24.07 6.53 -27.96
N GLY A 71 -23.82 5.23 -28.20
CA GLY A 71 -22.85 4.79 -29.18
C GLY A 71 -21.51 4.34 -28.60
N ALA A 72 -21.34 4.38 -27.29
CA ALA A 72 -20.06 4.00 -26.70
C ALA A 72 -19.79 2.51 -26.94
N THR A 73 -18.61 2.23 -27.49
CA THR A 73 -18.23 0.87 -27.79
C THR A 73 -17.72 0.17 -26.54
N ALA A 74 -17.52 -1.15 -26.66
CA ALA A 74 -16.94 -1.90 -25.54
C ALA A 74 -15.59 -1.34 -25.14
N GLU A 75 -14.77 -0.92 -26.10
N GLU A 75 -14.81 -0.94 -26.14
CA GLU A 75 -13.46 -0.45 -25.70
CA GLU A 75 -13.49 -0.37 -25.91
C GLU A 75 -13.50 0.93 -25.06
C GLU A 75 -13.59 0.87 -25.03
N VAL A 76 -14.48 1.77 -25.41
CA VAL A 76 -14.66 3.02 -24.69
C VAL A 76 -15.16 2.76 -23.27
N ILE A 77 -16.21 1.94 -23.15
CA ILE A 77 -16.79 1.64 -21.84
C ILE A 77 -15.73 1.04 -20.91
N VAL A 78 -14.96 0.06 -21.39
CA VAL A 78 -13.95 -0.55 -20.55
C VAL A 78 -12.88 0.46 -20.16
N ALA A 79 -12.39 1.24 -21.12
CA ALA A 79 -11.33 2.19 -20.81
C ALA A 79 -11.79 3.27 -19.86
N ARG A 80 -13.05 3.74 -20.00
CA ARG A 80 -13.55 4.78 -19.11
C ARG A 80 -13.69 4.26 -17.69
N GLY A 81 -14.20 3.04 -17.52
CA GLY A 81 -14.31 2.48 -16.19
C GLY A 81 -12.96 2.33 -15.53
N LEU A 82 -11.98 1.86 -16.30
CA LEU A 82 -10.65 1.71 -15.74
C LEU A 82 -10.07 3.05 -15.34
N ASP A 83 -10.23 4.07 -16.18
CA ASP A 83 -9.68 5.38 -15.86
C ASP A 83 -10.28 5.90 -14.56
N ARG A 84 -11.60 5.73 -14.37
CA ARG A 84 -12.19 6.23 -13.13
C ARG A 84 -11.61 5.51 -11.92
N SER A 85 -11.32 4.22 -12.03
N SER A 85 -11.27 4.22 -12.06
CA SER A 85 -10.69 3.52 -10.91
CA SER A 85 -10.66 3.45 -10.97
C SER A 85 -9.32 4.10 -10.61
C SER A 85 -9.26 3.95 -10.63
N ILE A 86 -8.53 4.39 -11.65
CA ILE A 86 -7.22 4.98 -11.44
C ILE A 86 -7.35 6.34 -10.74
N ALA A 87 -8.31 7.15 -11.19
CA ALA A 87 -8.50 8.46 -10.57
C ALA A 87 -8.92 8.33 -9.11
N ALA A 88 -9.78 7.36 -8.80
CA ALA A 88 -10.20 7.14 -7.43
C ALA A 88 -9.04 6.72 -6.55
N GLY A 89 -8.16 5.86 -7.06
CA GLY A 89 -6.98 5.50 -6.30
C GLY A 89 -6.07 6.70 -6.08
N ALA A 90 -5.84 7.48 -7.14
CA ALA A 90 -5.05 8.69 -7.02
C ALA A 90 -5.64 9.64 -5.98
N ALA A 91 -6.97 9.70 -5.91
CA ALA A 91 -7.64 10.58 -4.97
C ALA A 91 -7.40 10.14 -3.53
N GLY A 92 -7.46 8.84 -3.27
N GLY A 92 -7.16 8.85 -3.32
CA GLY A 92 -7.17 8.37 -1.93
CA GLY A 92 -6.89 8.34 -1.98
C GLY A 92 -5.78 8.78 -1.50
C GLY A 92 -5.45 8.50 -1.56
N HIS A 93 -4.82 8.67 -2.41
N HIS A 93 -4.51 8.07 -2.40
CA HIS A 93 -3.47 9.09 -2.08
CA HIS A 93 -3.12 8.24 -2.07
C HIS A 93 -3.35 10.61 -2.07
C HIS A 93 -2.75 9.72 -1.91
N SER A 94 -4.18 11.33 -2.83
N SER A 94 -3.23 10.58 -2.82
CA SER A 94 -4.23 12.79 -2.73
CA SER A 94 -2.84 11.99 -2.73
C SER A 94 -4.66 13.19 -1.33
C SER A 94 -3.59 12.74 -1.62
N GLY A 95 -5.73 12.58 -0.83
N GLY A 95 -4.79 12.30 -1.27
CA GLY A 95 -6.18 12.90 0.51
CA GLY A 95 -5.49 12.95 -0.17
C GLY A 95 -5.14 12.59 1.57
C GLY A 95 -4.78 12.73 1.15
N HIS A 96 -4.42 11.47 1.42
CA HIS A 96 -3.42 11.08 2.42
C HIS A 96 -2.26 12.05 2.42
N ALA A 97 -1.67 12.30 1.25
CA ALA A 97 -0.50 13.16 1.18
C ALA A 97 -0.84 14.59 1.57
N LYS A 98 -1.98 15.08 1.10
CA LYS A 98 -2.42 16.42 1.40
C LYS A 98 -2.61 16.63 2.90
N HIS A 99 -3.18 15.63 3.57
N HIS A 99 -3.23 15.64 3.58
N HIS A 99 -3.11 15.62 3.60
CA HIS A 99 -3.33 15.72 5.02
CA HIS A 99 -3.34 15.65 5.03
CA HIS A 99 -3.32 15.78 5.04
C HIS A 99 -1.98 15.88 5.71
C HIS A 99 -1.98 15.91 5.66
C HIS A 99 -2.01 15.78 5.80
N LEU A 100 -1.00 15.06 5.33
CA LEU A 100 0.35 15.21 5.87
C LEU A 100 0.97 16.57 5.54
N ALA A 101 0.78 17.09 4.32
CA ALA A 101 1.32 18.40 3.98
C ALA A 101 0.74 19.48 4.88
N HIS A 102 -0.58 19.43 5.13
CA HIS A 102 -1.20 20.40 6.03
C HIS A 102 -0.68 20.21 7.46
N THR A 103 -0.44 18.96 7.88
CA THR A 103 0.09 18.72 9.22
C THR A 103 1.49 19.30 9.38
N LEU A 104 2.36 19.09 8.39
CA LEU A 104 3.70 19.66 8.47
C LEU A 104 3.66 21.19 8.48
N LYS A 105 2.83 21.79 7.62
CA LYS A 105 2.72 23.24 7.61
C LYS A 105 2.29 23.75 8.98
N LYS A 106 1.21 23.20 9.53
CA LYS A 106 0.74 23.64 10.83
C LYS A 106 1.82 23.46 11.89
N ALA A 107 2.55 22.35 11.86
CA ALA A 107 3.55 22.09 12.87
C ALA A 107 4.61 23.17 12.92
N VAL A 108 5.10 23.60 11.75
CA VAL A 108 6.20 24.57 11.71
C VAL A 108 5.69 26.00 11.78
N GLN A 109 4.38 26.21 11.69
CA GLN A 109 3.76 27.49 11.97
C GLN A 109 3.36 27.65 13.42
N GLY A 110 3.71 26.69 14.27
CA GLY A 110 3.34 26.76 15.67
C GLY A 110 1.90 26.42 15.98
N LYS A 111 1.18 25.81 15.05
CA LYS A 111 -0.23 25.53 15.22
C LYS A 111 -0.53 24.10 15.66
N ALA A 112 0.50 23.25 15.77
CA ALA A 112 0.28 21.84 16.12
C ALA A 112 1.55 21.29 16.78
N ALA A 113 1.70 21.56 18.08
CA ALA A 113 2.93 21.30 18.80
C ALA A 113 3.16 19.82 19.09
N SER A 114 2.15 18.97 18.87
CA SER A 114 2.33 17.53 18.98
C SER A 114 3.15 16.96 17.83
N TYR A 115 3.41 17.76 16.80
CA TYR A 115 4.13 17.36 15.60
C TYR A 115 5.37 18.22 15.43
N MET A 116 6.37 17.66 14.76
CA MET A 116 7.67 18.32 14.70
C MET A 116 8.47 17.72 13.55
N ILE A 117 9.60 18.34 13.26
CA ILE A 117 10.56 17.81 12.30
C ILE A 117 11.39 16.76 13.04
N LYS A 118 11.12 15.49 12.80
CA LYS A 118 11.90 14.43 13.43
C LYS A 118 13.10 14.01 12.59
N ASP A 119 13.00 14.07 11.27
CA ASP A 119 14.10 13.67 10.39
C ASP A 119 14.56 14.91 9.62
N ARG A 120 15.50 15.62 10.23
CA ARG A 120 16.06 16.82 9.62
C ARG A 120 16.86 16.48 8.37
N THR A 121 17.56 15.34 8.39
CA THR A 121 18.34 14.94 7.23
C THR A 121 17.43 14.74 6.02
N LYS A 122 16.32 14.02 6.21
CA LYS A 122 15.39 13.80 5.11
C LYS A 122 14.77 15.12 4.64
N LEU A 123 14.45 16.02 5.58
CA LEU A 123 13.93 17.32 5.19
C LEU A 123 14.89 18.04 4.24
N HIS A 124 16.18 18.11 4.61
CA HIS A 124 17.13 18.83 3.76
C HIS A 124 17.34 18.12 2.43
N SER A 125 17.29 16.79 2.41
N SER A 125 17.32 16.79 2.42
N SER A 125 17.33 16.79 2.42
CA SER A 125 17.50 16.07 1.15
CA SER A 125 17.49 16.05 1.17
CA SER A 125 17.48 16.06 1.16
C SER A 125 16.31 16.22 0.20
C SER A 125 16.32 16.28 0.22
C SER A 125 16.32 16.35 0.22
N ILE A 126 15.09 16.27 0.75
CA ILE A 126 13.92 16.56 -0.07
C ILE A 126 13.99 17.97 -0.62
N ALA A 127 14.32 18.94 0.25
CA ALA A 127 14.47 20.32 -0.21
C ALA A 127 15.48 20.41 -1.35
N LYS A 128 16.63 19.74 -1.19
CA LYS A 128 17.64 19.74 -2.25
C LYS A 128 17.09 19.12 -3.54
N ARG A 129 16.33 18.03 -3.43
CA ARG A 129 15.80 17.36 -4.61
C ARG A 129 14.83 18.25 -5.36
N LEU A 130 14.10 19.09 -4.62
CA LEU A 130 13.11 19.99 -5.20
C LEU A 130 13.68 21.33 -5.60
N GLY A 131 14.94 21.61 -5.25
CA GLY A 131 15.55 22.88 -5.57
C GLY A 131 15.29 23.99 -4.59
N ILE A 132 14.88 23.65 -3.36
CA ILE A 132 14.61 24.63 -2.31
C ILE A 132 15.92 24.90 -1.58
N PRO A 133 16.34 26.16 -1.43
CA PRO A 133 17.63 26.43 -0.80
C PRO A 133 17.60 26.17 0.71
N THR A 134 18.69 25.59 1.21
CA THR A 134 18.80 25.26 2.62
C THR A 134 19.88 26.05 3.35
N GLU A 135 20.98 26.37 2.68
CA GLU A 135 22.09 27.04 3.34
C GLU A 135 21.62 28.37 3.93
N GLY A 136 21.87 28.55 5.22
CA GLY A 136 21.49 29.77 5.92
C GLY A 136 20.03 29.90 6.24
N GLN A 137 19.25 28.83 6.13
CA GLN A 137 17.82 28.86 6.36
C GLN A 137 17.46 28.10 7.63
N LYS A 138 16.45 28.60 8.34
CA LYS A 138 15.91 27.89 9.49
C LYS A 138 15.18 26.65 9.01
N ASP A 139 15.33 25.54 9.76
CA ASP A 139 14.62 24.31 9.41
C ASP A 139 13.14 24.55 9.23
N GLU A 140 12.55 25.33 10.12
CA GLU A 140 11.11 25.59 10.03
C GLU A 140 10.76 26.28 8.72
N ASP A 141 11.65 27.13 8.21
CA ASP A 141 11.39 27.80 6.94
C ASP A 141 11.57 26.85 5.75
N ILE A 142 12.59 25.99 5.80
CA ILE A 142 12.76 24.96 4.77
C ILE A 142 11.53 24.07 4.72
N ALA A 143 11.04 23.66 5.89
CA ALA A 143 9.87 22.79 5.97
C ALA A 143 8.61 23.51 5.48
N LEU A 144 8.48 24.80 5.79
CA LEU A 144 7.36 25.54 5.24
C LEU A 144 7.40 25.54 3.71
N GLU A 145 8.60 25.73 3.14
CA GLU A 145 8.72 25.71 1.69
C GLU A 145 8.45 24.32 1.11
N VAL A 146 8.89 23.27 1.79
CA VAL A 146 8.59 21.92 1.32
C VAL A 146 7.09 21.67 1.35
N ALA A 147 6.41 22.06 2.43
CA ALA A 147 4.97 21.84 2.51
C ALA A 147 4.23 22.66 1.45
N LYS A 148 4.69 23.89 1.20
CA LYS A 148 4.07 24.68 0.15
CA LYS A 148 4.09 24.70 0.14
C LYS A 148 4.28 24.04 -1.22
N ALA A 149 5.47 23.50 -1.48
CA ALA A 149 5.72 22.81 -2.73
C ALA A 149 4.83 21.58 -2.87
N ALA A 150 4.65 20.84 -1.80
CA ALA A 150 3.75 19.69 -1.82
C ALA A 150 2.35 20.12 -2.23
N LEU A 151 1.81 21.15 -1.57
CA LEU A 151 0.46 21.59 -1.88
C LEU A 151 0.37 22.14 -3.29
N ALA A 152 1.46 22.73 -3.79
CA ALA A 152 1.42 23.31 -5.14
C ALA A 152 1.30 22.23 -6.21
N ASP A 153 1.82 21.03 -5.95
CA ASP A 153 1.74 19.96 -6.93
C ASP A 153 0.31 19.44 -7.14
N PHE A 154 -0.67 19.90 -6.35
CA PHE A 154 -2.06 19.45 -6.55
C PHE A 154 -2.76 20.18 -7.68
N HIS A 155 -2.21 21.31 -8.14
CA HIS A 155 -2.86 22.13 -9.16
C HIS A 155 -1.87 22.54 -10.24
N GLU A 156 -2.41 23.09 -11.33
CA GLU A 156 -1.55 23.57 -12.39
C GLU A 156 -0.68 24.73 -11.88
N LYS A 157 0.51 24.84 -12.45
CA LYS A 157 1.47 25.92 -12.16
C LYS A 157 2.48 25.96 -13.30
N ASP A 158 3.55 26.73 -13.12
CA ASP A 158 4.54 26.89 -14.17
CA ASP A 158 4.52 26.88 -14.20
C ASP A 158 5.51 25.72 -14.28
N THR A 159 5.42 24.75 -13.37
CA THR A 159 6.18 23.52 -13.42
C THR A 159 5.21 22.34 -13.40
N PRO A 160 5.61 21.20 -13.94
CA PRO A 160 4.81 19.97 -13.75
C PRO A 160 4.86 19.49 -12.31
N VAL A 161 4.23 18.35 -12.03
CA VAL A 161 4.26 17.76 -10.70
C VAL A 161 5.69 17.33 -10.38
N LEU A 162 6.30 18.02 -9.41
CA LEU A 162 7.69 17.77 -9.08
C LEU A 162 7.87 16.44 -8.37
N TRP A 163 6.83 15.96 -7.68
CA TRP A 163 6.91 14.64 -7.07
C TRP A 163 6.75 13.52 -8.10
N VAL A 164 6.70 13.86 -9.39
CA VAL A 164 7.04 12.94 -10.47
C VAL A 164 8.39 13.28 -11.08
N THR A 165 8.56 14.51 -11.56
CA THR A 165 9.72 14.82 -12.39
C THR A 165 11.03 14.79 -11.64
N THR A 166 11.02 15.00 -10.32
CA THR A 166 12.27 14.98 -9.57
C THR A 166 12.59 13.63 -8.94
N VAL A 167 11.73 12.63 -9.11
CA VAL A 167 11.94 11.33 -8.47
C VAL A 167 12.24 10.21 -9.44
N LEU A 168 12.14 10.45 -10.74
CA LEU A 168 12.51 9.51 -11.77
C LEU A 168 13.71 10.05 -12.53
N PRO A 169 14.52 9.17 -13.12
CA PRO A 169 15.69 9.66 -13.85
C PRO A 169 15.29 10.52 -15.02
N PRO A 170 16.09 11.52 -15.37
CA PRO A 170 15.79 12.32 -16.57
C PRO A 170 15.40 11.52 -17.81
N SER A 171 16.05 10.39 -18.10
CA SER A 171 15.72 9.68 -19.33
C SER A 171 14.30 9.13 -19.29
N ARG A 172 13.85 8.65 -18.12
CA ARG A 172 12.46 8.21 -17.97
C ARG A 172 11.50 9.38 -18.09
N VAL A 173 11.81 10.52 -17.46
CA VAL A 173 10.95 11.69 -17.61
C VAL A 173 10.84 12.08 -19.07
N LYS A 174 11.92 11.96 -19.83
CA LYS A 174 11.88 12.33 -21.25
C LYS A 174 10.95 11.42 -22.03
N VAL A 175 11.01 10.11 -21.78
CA VAL A 175 10.11 9.19 -22.47
C VAL A 175 8.66 9.52 -22.15
N LEU A 176 8.38 9.79 -20.87
CA LEU A 176 7.02 10.09 -20.45
C LEU A 176 6.55 11.41 -21.04
N SER A 177 7.41 12.43 -21.03
CA SER A 177 7.06 13.72 -21.62
CA SER A 177 7.04 13.72 -21.61
C SER A 177 6.77 13.60 -23.10
N ALA A 178 7.54 12.76 -23.80
CA ALA A 178 7.36 12.60 -25.24
C ALA A 178 6.00 12.04 -25.58
N HIS A 179 5.40 11.31 -24.65
CA HIS A 179 4.08 10.73 -24.82
C HIS A 179 2.99 11.53 -24.11
N GLY A 180 3.32 12.71 -23.60
CA GLY A 180 2.33 13.54 -22.94
C GLY A 180 1.86 13.03 -21.60
N LEU A 181 2.69 12.25 -20.91
CA LEU A 181 2.23 11.53 -19.73
C LEU A 181 2.59 12.18 -18.40
N ILE A 182 3.36 13.24 -18.39
CA ILE A 182 3.71 13.88 -17.11
C ILE A 182 2.51 14.64 -16.59
N PRO A 183 2.05 14.40 -15.36
CA PRO A 183 0.88 15.13 -14.85
C PRO A 183 1.15 16.61 -14.60
N ALA A 184 0.12 17.42 -14.84
CA ALA A 184 0.24 18.86 -14.62
C ALA A 184 -0.08 19.26 -13.19
N GLY A 185 -0.90 18.49 -12.50
CA GLY A 185 -1.27 18.73 -11.12
C GLY A 185 -2.04 17.52 -10.64
N ILE A 186 -1.92 17.13 -9.37
CA ILE A 186 -2.52 15.87 -8.94
C ILE A 186 -4.04 15.93 -9.04
N ASP A 187 -4.66 16.93 -8.40
CA ASP A 187 -6.13 16.99 -8.44
C ASP A 187 -6.61 17.43 -9.82
N HIS A 188 -5.79 18.17 -10.54
CA HIS A 188 -6.11 18.52 -11.92
C HIS A 188 -6.32 17.27 -12.77
N GLU A 189 -5.41 16.28 -12.65
CA GLU A 189 -5.54 15.09 -13.46
C GLU A 189 -6.75 14.26 -13.03
N ILE A 190 -7.01 14.16 -11.72
CA ILE A 190 -8.17 13.42 -11.24
C ILE A 190 -9.44 14.01 -11.85
N ALA A 191 -9.54 15.34 -11.81
CA ALA A 191 -10.72 15.99 -12.37
C ALA A 191 -10.82 15.80 -13.88
N GLU A 192 -9.69 15.93 -14.59
N GLU A 192 -9.70 15.86 -14.60
CA GLU A 192 -9.69 15.72 -16.03
CA GLU A 192 -9.80 15.70 -16.04
C GLU A 192 -10.18 14.31 -16.38
C GLU A 192 -10.11 14.27 -16.44
N ILE A 193 -9.75 13.30 -15.60
CA ILE A 193 -10.22 11.94 -15.84
C ILE A 193 -11.73 11.89 -15.74
N MET A 194 -12.28 12.44 -14.65
CA MET A 194 -13.72 12.40 -14.43
C MET A 194 -14.47 13.13 -15.53
N HIS A 195 -13.88 14.23 -16.03
CA HIS A 195 -14.46 14.96 -17.16
C HIS A 195 -14.41 14.11 -18.43
N ARG A 196 -13.23 13.63 -18.81
CA ARG A 196 -13.08 12.99 -20.11
C ARG A 196 -13.87 11.68 -20.19
N THR A 197 -14.12 11.02 -19.06
CA THR A 197 -14.87 9.77 -19.02
C THR A 197 -16.36 9.98 -18.85
N SER A 198 -16.80 11.22 -18.65
CA SER A 198 -18.23 11.51 -18.57
C SER A 198 -18.86 11.39 -19.96
N MET A 199 -20.18 11.37 -20.00
CA MET A 199 -20.89 11.05 -21.22
CA MET A 199 -20.88 11.04 -21.23
C MET A 199 -20.55 12.04 -22.33
N GLY A 200 -20.31 11.51 -23.53
CA GLY A 200 -20.14 12.33 -24.71
C GLY A 200 -18.83 13.08 -24.77
N CYS A 201 -17.78 12.56 -24.13
N CYS A 201 -17.77 12.53 -24.16
CA CYS A 201 -16.47 13.19 -24.14
CA CYS A 201 -16.47 13.18 -24.13
C CYS A 201 -15.50 12.25 -24.83
C CYS A 201 -15.48 12.26 -24.83
N ASP A 202 -14.42 11.82 -24.15
CA ASP A 202 -13.39 11.02 -24.80
C ASP A 202 -13.95 9.64 -25.15
N ALA A 203 -13.69 9.20 -26.40
CA ALA A 203 -14.26 7.97 -26.92
C ALA A 203 -13.27 7.35 -27.90
N ASP A 204 -12.03 7.24 -27.46
CA ASP A 204 -10.96 6.58 -28.20
C ASP A 204 -10.15 5.84 -27.16
N ALA A 205 -10.04 4.52 -27.29
CA ALA A 205 -9.44 3.71 -26.22
C ALA A 205 -8.00 4.13 -25.95
N GLN A 206 -7.20 4.31 -27.01
CA GLN A 206 -5.80 4.69 -26.80
C GLN A 206 -5.69 6.03 -26.08
N ASN A 207 -6.49 7.01 -26.50
CA ASN A 207 -6.46 8.32 -25.86
C ASN A 207 -6.90 8.21 -24.40
N LEU A 208 -7.96 7.46 -24.13
CA LEU A 208 -8.42 7.29 -22.76
C LEU A 208 -7.32 6.66 -21.90
N LEU A 209 -6.68 5.62 -22.42
CA LEU A 209 -5.70 4.89 -21.62
C LEU A 209 -4.45 5.72 -21.38
N LEU A 210 -4.04 6.53 -22.36
CA LEU A 210 -2.92 7.46 -22.12
C LEU A 210 -3.26 8.41 -20.98
N GLY A 211 -4.49 8.92 -20.95
CA GLY A 211 -4.93 9.72 -19.82
C GLY A 211 -4.83 8.97 -18.51
N GLY A 212 -5.22 7.70 -18.52
CA GLY A 212 -5.09 6.88 -17.32
C GLY A 212 -3.66 6.70 -16.87
N LEU A 213 -2.73 6.49 -17.81
CA LEU A 213 -1.32 6.38 -17.42
C LEU A 213 -0.86 7.68 -16.76
N ARG A 214 -1.26 8.83 -17.33
CA ARG A 214 -0.87 10.10 -16.73
C ARG A 214 -1.46 10.27 -15.33
N CYS A 215 -2.73 9.89 -15.14
CA CYS A 215 -3.32 9.97 -13.81
C CYS A 215 -2.64 9.00 -12.84
N SER A 216 -2.18 7.85 -13.34
CA SER A 216 -1.45 6.94 -12.45
C SER A 216 -0.15 7.59 -11.95
N LEU A 217 0.51 8.43 -12.76
CA LEU A 217 1.66 9.15 -12.25
C LEU A 217 1.27 10.19 -11.21
N ALA A 218 0.07 10.77 -11.31
CA ALA A 218 -0.42 11.60 -10.22
C ALA A 218 -0.57 10.79 -8.94
N ASP A 219 -0.99 9.53 -9.07
CA ASP A 219 -1.03 8.64 -7.91
C ASP A 219 0.35 8.38 -7.34
N LEU A 220 1.31 8.08 -8.23
CA LEU A 220 2.70 7.90 -7.78
C LEU A 220 3.18 9.12 -7.01
N ALA A 221 2.88 10.31 -7.51
CA ALA A 221 3.30 11.53 -6.83
C ALA A 221 2.72 11.60 -5.43
N GLY A 222 1.44 11.25 -5.28
CA GLY A 222 0.83 11.28 -3.96
C GLY A 222 1.45 10.27 -3.02
N CYS A 223 1.76 9.08 -3.53
CA CYS A 223 2.47 8.09 -2.73
C CYS A 223 3.81 8.61 -2.26
N TYR A 224 4.61 9.14 -3.19
CA TYR A 224 5.96 9.58 -2.86
C TYR A 224 5.93 10.77 -1.92
N MET A 225 5.00 11.69 -2.15
CA MET A 225 4.78 12.80 -1.23
C MET A 225 4.37 12.29 0.16
N GLY A 226 3.48 11.32 0.22
CA GLY A 226 3.09 10.79 1.53
C GLY A 226 4.25 10.18 2.31
N THR A 227 5.06 9.37 1.64
CA THR A 227 6.23 8.79 2.29
C THR A 227 7.20 9.88 2.74
N ASP A 228 7.53 10.81 1.84
CA ASP A 228 8.46 11.88 2.18
C ASP A 228 8.01 12.65 3.42
N LEU A 229 6.75 13.08 3.42
CA LEU A 229 6.24 13.90 4.52
C LEU A 229 6.15 13.11 5.81
N ALA A 230 5.72 11.85 5.73
CA ALA A 230 5.64 11.02 6.93
C ALA A 230 7.01 10.77 7.51
N ASP A 231 8.02 10.59 6.66
CA ASP A 231 9.39 10.40 7.17
C ASP A 231 9.89 11.67 7.86
N ILE A 232 9.61 12.85 7.29
CA ILE A 232 10.03 14.09 7.96
C ILE A 232 9.42 14.17 9.34
N LEU A 233 8.12 13.92 9.42
CA LEU A 233 7.36 14.15 10.63
C LEU A 233 7.57 13.06 11.67
N PHE A 234 7.74 11.82 11.23
CA PHE A 234 7.71 10.68 12.15
C PHE A 234 8.99 9.86 12.17
N GLY A 235 9.94 10.15 11.29
CA GLY A 235 11.23 9.48 11.21
C GLY A 235 11.28 8.50 10.05
N THR A 236 12.43 8.40 9.40
CA THR A 236 12.62 7.41 8.36
C THR A 236 12.81 6.03 8.99
N PRO A 237 12.11 4.99 8.52
CA PRO A 237 12.30 3.66 9.14
C PRO A 237 13.73 3.15 9.04
N ALA A 238 14.13 2.41 10.06
CA ALA A 238 15.33 1.59 10.10
C ALA A 238 14.95 0.21 10.63
N PRO A 239 15.84 -0.77 10.50
CA PRO A 239 15.45 -2.16 10.82
C PRO A 239 14.92 -2.31 12.23
N VAL A 240 13.87 -3.11 12.36
N VAL A 240 13.85 -3.10 12.33
CA VAL A 240 13.16 -3.29 13.63
CA VAL A 240 13.13 -3.34 13.57
C VAL A 240 12.62 -4.71 13.65
C VAL A 240 12.79 -4.81 13.64
N VAL A 241 12.49 -5.26 14.86
CA VAL A 241 12.05 -6.64 15.08
CA VAL A 241 12.06 -6.63 15.09
C VAL A 241 10.77 -6.61 15.90
N THR A 242 9.75 -7.30 15.40
CA THR A 242 8.46 -7.34 16.09
C THR A 242 7.78 -8.67 15.77
N GLU A 243 6.45 -8.69 15.88
CA GLU A 243 5.66 -9.90 15.68
C GLU A 243 4.40 -9.56 14.88
N SER A 244 3.77 -10.59 14.33
CA SER A 244 2.52 -10.40 13.64
C SER A 244 1.57 -11.57 13.85
N ASN A 245 0.29 -11.30 13.55
CA ASN A 245 -0.87 -12.19 13.62
C ASN A 245 -1.61 -12.05 14.95
N LEU A 246 -2.76 -12.72 15.09
CA LEU A 246 -3.69 -12.38 16.16
C LEU A 246 -3.13 -12.67 17.54
N GLY A 247 -2.14 -13.56 17.64
CA GLY A 247 -1.50 -13.86 18.92
C GLY A 247 -0.77 -12.68 19.54
N VAL A 248 -0.65 -11.56 18.83
CA VAL A 248 -0.09 -10.35 19.43
C VAL A 248 -1.08 -9.63 20.33
N LEU A 249 -2.37 -9.99 20.27
CA LEU A 249 -3.33 -9.50 21.24
C LEU A 249 -3.07 -10.16 22.60
N LYS A 250 -3.39 -9.42 23.66
CA LYS A 250 -3.11 -9.87 25.03
C LYS A 250 -4.35 -9.71 25.87
N ALA A 251 -4.87 -10.84 26.38
CA ALA A 251 -6.13 -10.80 27.11
C ALA A 251 -6.09 -9.84 28.28
N ASP A 252 -4.93 -9.68 28.93
CA ASP A 252 -4.83 -8.88 30.14
C ASP A 252 -4.50 -7.41 29.89
N ALA A 253 -4.40 -6.99 28.63
CA ALA A 253 -4.12 -5.59 28.28
C ALA A 253 -5.34 -4.97 27.61
N VAL A 254 -5.35 -3.64 27.55
CA VAL A 254 -6.29 -2.91 26.70
C VAL A 254 -5.76 -3.02 25.28
N ASN A 255 -6.43 -3.78 24.44
CA ASN A 255 -5.99 -3.97 23.06
C ASN A 255 -6.64 -2.92 22.18
N VAL A 256 -5.80 -2.13 21.51
CA VAL A 256 -6.23 -1.02 20.68
C VAL A 256 -5.62 -1.23 19.29
N ALA A 257 -6.47 -1.38 18.28
CA ALA A 257 -5.99 -1.48 16.91
C ALA A 257 -6.04 -0.11 16.26
N VAL A 258 -4.96 0.26 15.58
CA VAL A 258 -4.97 1.40 14.66
C VAL A 258 -5.13 0.83 13.25
N HIS A 259 -6.11 1.35 12.52
CA HIS A 259 -6.57 0.77 11.26
C HIS A 259 -6.88 1.92 10.33
N GLY A 260 -6.60 1.73 9.06
N GLY A 260 -6.52 1.73 9.05
CA GLY A 260 -6.71 2.84 8.12
CA GLY A 260 -6.56 2.76 8.03
C GLY A 260 -5.35 3.16 7.57
C GLY A 260 -5.28 2.84 7.23
N HIS A 261 -4.99 4.45 7.49
N HIS A 261 -4.92 4.04 6.77
CA HIS A 261 -3.86 4.87 6.66
CA HIS A 261 -3.66 4.27 6.09
C HIS A 261 -2.87 5.88 7.20
C HIS A 261 -2.88 5.49 6.57
N ASN A 262 -3.33 6.90 7.91
N ASN A 262 -3.58 6.54 6.99
CA ASN A 262 -2.36 7.99 8.00
CA ASN A 262 -2.92 7.77 7.42
C ASN A 262 -1.61 8.02 9.32
C ASN A 262 -2.63 7.70 8.90
N PRO A 263 -0.28 8.11 9.29
N PRO A 263 -1.35 7.67 9.32
CA PRO A 263 0.48 8.19 10.54
CA PRO A 263 -1.04 7.46 10.74
C PRO A 263 0.24 9.46 11.33
C PRO A 263 -0.89 8.75 11.54
N VAL A 264 -0.34 10.51 10.73
N VAL A 264 -1.43 9.85 11.03
CA VAL A 264 -0.73 11.67 11.53
CA VAL A 264 -1.18 11.16 11.62
C VAL A 264 -1.57 11.22 12.72
C VAL A 264 -1.56 11.18 13.10
N LEU A 265 -2.38 10.17 12.54
N LEU A 265 -2.65 10.52 13.46
CA LEU A 265 -3.19 9.64 13.64
CA LEU A 265 -3.05 10.41 14.86
C LEU A 265 -2.46 8.55 14.41
C LEU A 265 -2.51 9.14 15.49
N SER A 266 -2.03 7.48 13.73
N SER A 266 -2.44 8.04 14.74
CA SER A 266 -1.52 6.32 14.46
CA SER A 266 -2.06 6.78 15.34
C SER A 266 -0.24 6.63 15.24
C SER A 266 -0.61 6.78 15.78
N ASP A 267 0.59 7.57 14.76
N ASP A 267 0.28 7.43 15.02
CA ASP A 267 1.85 7.83 15.45
CA ASP A 267 1.62 7.64 15.53
C ASP A 267 1.61 8.45 16.83
C ASP A 267 1.56 8.40 16.84
N ILE A 268 0.65 9.37 16.92
CA ILE A 268 0.33 10.00 18.20
C ILE A 268 -0.31 8.98 19.14
N ILE A 269 -1.23 8.15 18.64
CA ILE A 269 -1.82 7.12 19.49
C ILE A 269 -0.71 6.30 20.15
N VAL A 270 0.33 5.95 19.39
CA VAL A 270 1.40 5.13 19.93
C VAL A 270 2.10 5.83 21.09
N SER A 271 2.49 7.09 20.88
CA SER A 271 3.21 7.81 21.93
C SER A 271 2.32 8.08 23.15
N VAL A 272 1.09 8.55 22.91
CA VAL A 272 0.19 8.87 24.03
C VAL A 272 -0.11 7.61 24.83
N SER A 273 -0.32 6.47 24.16
CA SER A 273 -0.64 5.24 24.88
CA SER A 273 -0.64 5.24 24.88
C SER A 273 0.40 4.93 25.95
N LYS A 274 1.67 5.23 25.65
CA LYS A 274 2.72 4.97 26.65
C LYS A 274 2.51 5.83 27.89
N GLU A 275 2.13 7.08 27.70
CA GLU A 275 1.92 7.99 28.82
C GLU A 275 0.71 7.61 29.65
N MET A 276 -0.19 6.78 29.11
CA MET A 276 -1.41 6.40 29.81
CA MET A 276 -1.40 6.41 29.83
C MET A 276 -1.33 5.02 30.44
N GLU A 277 -0.14 4.40 30.46
CA GLU A 277 0.00 3.05 31.00
C GLU A 277 -0.51 2.97 32.44
N ASN A 278 -0.15 3.95 33.27
CA ASN A 278 -0.58 3.92 34.67
C ASN A 278 -2.10 4.01 34.76
N GLU A 279 -2.70 4.89 33.97
CA GLU A 279 -4.15 5.02 33.95
C GLU A 279 -4.82 3.72 33.50
N ALA A 280 -4.17 2.97 32.61
CA ALA A 280 -4.71 1.66 32.22
C ALA A 280 -4.54 0.64 33.33
N ARG A 281 -3.41 0.68 34.04
CA ARG A 281 -3.22 -0.24 35.15
C ARG A 281 -4.23 0.00 36.27
N ALA A 282 -4.60 1.26 36.50
CA ALA A 282 -5.60 1.55 37.51
C ALA A 282 -6.94 0.92 37.15
N ALA A 283 -7.21 0.73 35.87
CA ALA A 283 -8.44 0.10 35.41
C ALA A 283 -8.35 -1.42 35.39
N GLY A 284 -7.24 -1.99 35.83
CA GLY A 284 -7.10 -3.42 35.92
C GLY A 284 -6.36 -4.09 34.79
N ALA A 285 -5.83 -3.33 33.83
CA ALA A 285 -5.07 -3.89 32.73
C ALA A 285 -3.57 -3.85 33.04
N THR A 286 -2.80 -4.57 32.24
CA THR A 286 -1.35 -4.51 32.35
C THR A 286 -0.80 -3.26 31.68
N GLY A 287 -1.56 -2.66 30.78
CA GLY A 287 -1.12 -1.54 30.00
C GLY A 287 -2.00 -1.44 28.77
N ILE A 288 -1.58 -0.56 27.86
CA ILE A 288 -2.23 -0.40 26.57
C ILE A 288 -1.39 -1.08 25.50
N ASN A 289 -1.97 -2.06 24.82
CA ASN A 289 -1.31 -2.84 23.77
C ASN A 289 -1.85 -2.35 22.43
N VAL A 290 -1.13 -1.43 21.80
CA VAL A 290 -1.46 -0.95 20.47
C VAL A 290 -0.98 -1.99 19.45
N VAL A 291 -1.86 -2.34 18.52
CA VAL A 291 -1.56 -3.29 17.45
C VAL A 291 -2.06 -2.69 16.14
N GLY A 292 -1.49 -3.15 15.03
CA GLY A 292 -1.75 -2.57 13.73
C GLY A 292 -2.66 -3.41 12.86
N ILE A 293 -3.50 -2.75 12.09
CA ILE A 293 -4.23 -3.36 10.98
C ILE A 293 -3.97 -2.52 9.73
N CYS A 294 -3.74 -3.18 8.60
N CYS A 294 -3.77 -3.20 8.60
CA CYS A 294 -3.67 -2.48 7.31
CA CYS A 294 -3.62 -2.49 7.31
C CYS A 294 -2.50 -1.50 7.32
C CYS A 294 -2.43 -1.52 7.30
N CYS A 295 -2.60 -0.43 6.52
N CYS A 295 -2.51 -0.41 6.58
CA CYS A 295 -1.43 0.39 6.24
CA CYS A 295 -1.28 0.35 6.38
C CYS A 295 -0.98 1.18 7.45
C CYS A 295 -0.98 1.32 7.51
N THR A 296 -1.91 1.78 8.19
N THR A 296 -1.99 1.84 8.22
CA THR A 296 -1.48 2.56 9.33
CA THR A 296 -1.67 2.56 9.46
C THR A 296 -0.80 1.67 10.37
C THR A 296 -0.83 1.67 10.36
N GLY A 297 -1.21 0.39 10.44
CA GLY A 297 -0.42 -0.57 11.20
C GLY A 297 0.97 -0.75 10.64
N ASN A 298 1.09 -0.86 9.32
CA ASN A 298 2.43 -0.91 8.71
C ASN A 298 3.25 0.32 9.06
N GLU A 299 2.64 1.51 9.08
CA GLU A 299 3.39 2.72 9.39
C GLU A 299 4.02 2.64 10.78
N VAL A 300 3.25 2.24 11.78
CA VAL A 300 3.77 2.20 13.15
C VAL A 300 4.62 0.95 13.39
N LEU A 301 4.44 -0.10 12.59
CA LEU A 301 5.37 -1.23 12.64
C LEU A 301 6.74 -0.80 12.13
N MET A 302 6.77 -0.12 10.99
CA MET A 302 8.04 0.26 10.36
C MET A 302 8.82 1.22 11.25
N ARG A 303 8.14 2.16 11.91
CA ARG A 303 8.83 3.18 12.67
C ARG A 303 9.00 2.85 14.15
N HIS A 304 8.15 2.01 14.73
CA HIS A 304 8.17 1.77 16.17
C HIS A 304 8.14 0.30 16.56
N GLY A 305 8.09 -0.62 15.60
CA GLY A 305 7.97 -2.02 15.94
C GLY A 305 6.66 -2.41 16.58
N ILE A 306 5.61 -1.63 16.39
CA ILE A 306 4.28 -2.02 16.85
C ILE A 306 3.88 -3.31 16.14
N PRO A 307 3.46 -4.35 16.86
CA PRO A 307 3.09 -5.61 16.20
C PRO A 307 1.84 -5.47 15.35
N ALA A 308 1.84 -6.19 14.24
CA ALA A 308 0.71 -6.21 13.32
C ALA A 308 -0.23 -7.33 13.70
N CYS A 309 -1.49 -6.97 13.89
N CYS A 309 -1.51 -7.01 13.90
CA CYS A 309 -2.53 -7.92 14.27
CA CYS A 309 -2.41 -8.10 14.27
C CYS A 309 -3.01 -8.71 13.07
C CYS A 309 -3.09 -8.77 13.07
N THR A 310 -3.50 -8.02 12.04
CA THR A 310 -3.98 -8.66 10.83
C THR A 310 -4.05 -7.62 9.72
N HIS A 311 -4.55 -8.05 8.56
CA HIS A 311 -4.58 -7.20 7.38
C HIS A 311 -5.80 -7.48 6.50
N SER A 312 -6.23 -6.44 5.80
CA SER A 312 -7.10 -6.53 4.64
C SER A 312 -8.32 -7.39 4.90
N VAL A 313 -8.46 -8.46 4.12
CA VAL A 313 -9.71 -9.22 4.07
C VAL A 313 -10.08 -9.81 5.42
N SER A 314 -9.10 -10.14 6.27
CA SER A 314 -9.39 -10.79 7.54
C SER A 314 -9.53 -9.82 8.71
N GLN A 315 -9.69 -8.52 8.44
CA GLN A 315 -9.70 -7.54 9.53
C GLN A 315 -10.82 -7.79 10.55
N GLU A 316 -11.97 -8.34 10.13
CA GLU A 316 -13.03 -8.56 11.09
C GLU A 316 -12.63 -9.56 12.18
N MET A 317 -11.66 -10.44 11.88
CA MET A 317 -11.35 -11.54 12.77
C MET A 317 -10.68 -11.06 14.04
N ALA A 318 -10.00 -9.91 14.01
CA ALA A 318 -9.44 -9.36 15.24
C ALA A 318 -10.52 -9.12 16.27
N MET A 319 -11.69 -8.68 15.81
CA MET A 319 -12.80 -8.40 16.71
C MET A 319 -13.40 -9.68 17.27
N ILE A 320 -13.43 -10.74 16.47
CA ILE A 320 -14.05 -11.99 16.88
C ILE A 320 -13.35 -12.62 18.08
N THR A 321 -12.08 -12.24 18.32
CA THR A 321 -11.39 -12.80 19.48
C THR A 321 -12.10 -12.46 20.79
N GLY A 322 -12.85 -11.35 20.82
CA GLY A 322 -13.41 -10.86 22.06
C GLY A 322 -12.50 -9.96 22.86
N ALA A 323 -11.25 -9.79 22.42
CA ALA A 323 -10.25 -9.05 23.18
C ALA A 323 -9.90 -7.71 22.58
N LEU A 324 -10.53 -7.31 21.48
CA LEU A 324 -10.20 -6.01 20.86
C LEU A 324 -11.07 -4.94 21.48
N ASP A 325 -10.48 -4.12 22.35
CA ASP A 325 -11.25 -3.14 23.09
C ASP A 325 -11.56 -1.91 22.26
N ALA A 326 -10.68 -1.54 21.33
CA ALA A 326 -10.99 -0.43 20.43
C ALA A 326 -10.34 -0.65 19.08
N MET A 327 -11.00 -0.10 18.07
CA MET A 327 -10.50 -0.07 16.69
C MET A 327 -10.59 1.39 16.27
N ILE A 328 -9.43 2.04 16.12
CA ILE A 328 -9.32 3.46 15.85
CA ILE A 328 -9.33 3.46 15.85
C ILE A 328 -9.06 3.64 14.36
N LEU A 329 -9.99 4.30 13.68
CA LEU A 329 -10.01 4.38 12.23
C LEU A 329 -9.75 5.78 11.71
N ASP A 330 -9.08 5.89 10.56
N ASP A 330 -8.92 5.85 10.67
CA ASP A 330 -9.08 7.17 9.83
CA ASP A 330 -8.84 7.01 9.80
C ASP A 330 -9.73 7.06 8.45
C ASP A 330 -9.71 6.71 8.59
N TYR A 331 -9.07 6.47 7.44
CA TYR A 331 -9.77 6.25 6.18
C TYR A 331 -9.09 5.16 5.37
N GLN A 332 -9.90 4.57 4.47
CA GLN A 332 -9.52 3.66 3.38
C GLN A 332 -9.33 2.22 3.85
N CYS A 333 -9.98 1.28 3.17
CA CYS A 333 -9.79 -0.15 3.33
C CYS A 333 -10.41 -0.70 4.60
N ILE A 334 -11.25 0.06 5.27
CA ILE A 334 -11.96 -0.39 6.46
C ILE A 334 -13.30 -0.97 6.03
N GLN A 335 -13.49 -2.26 6.25
CA GLN A 335 -14.79 -2.86 5.94
C GLN A 335 -15.84 -2.23 6.84
N PRO A 336 -16.89 -1.58 6.30
CA PRO A 336 -17.87 -0.95 7.20
C PRO A 336 -18.64 -1.94 8.05
N SER A 337 -18.58 -3.24 7.73
CA SER A 337 -19.14 -4.25 8.62
C SER A 337 -18.58 -4.15 10.04
N VAL A 338 -17.38 -3.58 10.22
CA VAL A 338 -16.84 -3.53 11.58
C VAL A 338 -17.79 -2.82 12.54
N ALA A 339 -18.59 -1.84 12.04
CA ALA A 339 -19.47 -1.11 12.93
C ALA A 339 -20.59 -1.97 13.47
N THR A 340 -21.08 -2.93 12.69
CA THR A 340 -22.13 -3.82 13.15
CA THR A 340 -22.14 -3.80 13.19
C THR A 340 -21.56 -4.95 13.98
N ILE A 341 -20.43 -5.50 13.55
CA ILE A 341 -19.80 -6.59 14.29
C ILE A 341 -19.45 -6.13 15.69
N ALA A 342 -19.10 -4.85 15.84
CA ALA A 342 -18.71 -4.36 17.16
C ALA A 342 -19.82 -4.54 18.19
N GLU A 343 -21.09 -4.49 17.77
CA GLU A 343 -22.17 -4.68 18.74
C GLU A 343 -22.19 -6.09 19.29
N CYS A 344 -21.72 -7.05 18.49
N CYS A 344 -21.70 -7.06 18.53
CA CYS A 344 -21.65 -8.45 18.89
CA CYS A 344 -21.68 -8.44 19.00
C CYS A 344 -20.43 -8.71 19.77
C CYS A 344 -20.35 -8.87 19.62
N THR A 345 -19.30 -8.09 19.46
CA THR A 345 -18.01 -8.41 20.06
C THR A 345 -17.63 -7.49 21.23
N GLY A 346 -18.30 -6.36 21.41
CA GLY A 346 -17.97 -5.42 22.46
C GLY A 346 -16.98 -4.34 22.09
N THR A 347 -16.33 -4.47 20.93
CA THR A 347 -15.29 -3.54 20.52
C THR A 347 -15.88 -2.15 20.32
N THR A 348 -15.14 -1.12 20.72
CA THR A 348 -15.54 0.25 20.44
C THR A 348 -14.82 0.67 19.15
N VAL A 349 -15.60 0.87 18.08
CA VAL A 349 -15.07 1.35 16.80
C VAL A 349 -15.19 2.87 16.80
N ILE A 350 -14.08 3.54 16.50
CA ILE A 350 -14.01 4.99 16.61
C ILE A 350 -13.50 5.57 15.29
N THR A 351 -14.32 6.39 14.64
CA THR A 351 -13.87 7.15 13.50
C THR A 351 -13.34 8.51 13.94
N THR A 352 -12.46 9.08 13.11
CA THR A 352 -11.77 10.30 13.49
C THR A 352 -11.72 11.36 12.39
N MET A 353 -12.01 11.03 11.14
CA MET A 353 -11.88 11.94 10.01
CA MET A 353 -11.88 11.96 10.02
C MET A 353 -13.26 12.36 9.52
N GLU A 354 -13.43 13.66 9.26
CA GLU A 354 -14.72 14.22 8.88
C GLU A 354 -15.28 13.55 7.63
N MET A 355 -14.43 13.20 6.68
N MET A 355 -14.41 13.17 6.71
CA MET A 355 -14.92 12.61 5.44
CA MET A 355 -14.78 12.61 5.42
C MET A 355 -14.97 11.10 5.45
C MET A 355 -14.92 11.10 5.45
N SER A 356 -14.84 10.46 6.62
CA SER A 356 -14.87 8.99 6.67
C SER A 356 -15.55 8.53 7.97
N LYS A 357 -16.87 8.54 7.94
CA LYS A 357 -17.70 8.14 9.07
C LYS A 357 -18.38 6.82 8.73
N ILE A 358 -18.77 6.08 9.77
CA ILE A 358 -19.50 4.83 9.58
C ILE A 358 -20.70 4.82 10.51
N THR A 359 -21.90 4.64 9.95
CA THR A 359 -23.10 4.62 10.78
C THR A 359 -22.96 3.57 11.89
N GLY A 360 -23.19 4.01 13.12
CA GLY A 360 -23.14 3.13 14.27
C GLY A 360 -21.82 3.13 15.01
N ALA A 361 -20.80 3.79 14.47
CA ALA A 361 -19.53 3.94 15.15
C ALA A 361 -19.51 5.27 15.90
N THR A 362 -18.72 5.31 16.97
CA THR A 362 -18.51 6.56 17.68
C THR A 362 -17.52 7.41 16.91
N HIS A 363 -17.79 8.70 16.81
CA HIS A 363 -16.92 9.61 16.09
C HIS A 363 -16.27 10.57 17.07
N VAL A 364 -14.95 10.67 17.00
CA VAL A 364 -14.15 11.61 17.81
C VAL A 364 -13.32 12.39 16.82
N ASN A 365 -13.71 13.63 16.55
N ASN A 365 -13.56 13.70 16.71
CA ASN A 365 -12.93 14.45 15.64
CA ASN A 365 -12.97 14.53 15.66
C ASN A 365 -11.50 14.46 16.16
C ASN A 365 -11.51 14.88 15.95
N PHE A 366 -10.57 14.22 15.26
CA PHE A 366 -9.13 14.35 15.51
CA PHE A 366 -9.16 14.39 15.54
C PHE A 366 -8.65 15.62 14.79
N ALA A 367 -8.12 16.58 15.53
CA ALA A 367 -7.50 17.76 14.95
C ALA A 367 -6.01 17.73 15.29
N GLU A 368 -5.16 17.88 14.28
CA GLU A 368 -3.73 17.92 14.56
C GLU A 368 -3.43 18.93 15.65
N GLU A 369 -4.21 20.01 15.68
CA GLU A 369 -4.02 21.08 16.64
C GLU A 369 -4.27 20.62 18.08
N ALA A 370 -5.00 19.52 18.28
CA ALA A 370 -5.34 19.01 19.59
C ALA A 370 -5.04 17.51 19.69
N ALA A 371 -4.02 17.06 18.97
CA ALA A 371 -3.84 15.62 18.75
C ALA A 371 -3.73 14.87 20.06
N VAL A 372 -2.93 15.37 21.00
CA VAL A 372 -2.71 14.64 22.25
C VAL A 372 -4.01 14.53 23.03
N GLU A 373 -4.75 15.64 23.15
CA GLU A 373 -6.00 15.59 23.89
CA GLU A 373 -6.03 15.62 23.86
C GLU A 373 -7.02 14.68 23.20
N ASN A 374 -7.11 14.73 21.87
CA ASN A 374 -8.03 13.84 21.15
C ASN A 374 -7.63 12.38 21.37
N ALA A 375 -6.33 12.09 21.36
CA ALA A 375 -5.87 10.72 21.56
C ALA A 375 -6.26 10.20 22.94
N LYS A 376 -6.13 11.05 23.97
CA LYS A 376 -6.49 10.61 25.32
C LYS A 376 -7.98 10.35 25.44
N GLN A 377 -8.81 11.17 24.81
CA GLN A 377 -10.24 10.90 24.79
C GLN A 377 -10.53 9.55 24.16
N ILE A 378 -9.89 9.27 23.02
CA ILE A 378 -10.08 7.99 22.34
C ILE A 378 -9.63 6.84 23.21
N LEU A 379 -8.42 6.93 23.78
CA LEU A 379 -7.89 5.84 24.57
C LEU A 379 -8.69 5.62 25.86
N ARG A 380 -9.31 6.67 26.40
CA ARG A 380 -10.15 6.45 27.57
C ARG A 380 -11.42 5.67 27.22
N LEU A 381 -11.97 5.85 26.02
CA LEU A 381 -13.05 4.98 25.59
C LEU A 381 -12.58 3.53 25.53
N ALA A 382 -11.33 3.30 25.10
CA ALA A 382 -10.81 1.94 25.04
C ALA A 382 -10.68 1.35 26.45
N ILE A 383 -10.14 2.14 27.39
CA ILE A 383 -9.99 1.66 28.76
C ILE A 383 -11.34 1.29 29.33
N ASP A 384 -12.34 2.17 29.15
CA ASP A 384 -13.68 1.84 29.60
C ASP A 384 -14.14 0.51 29.04
N THR A 385 -13.84 0.25 27.75
CA THR A 385 -14.30 -0.98 27.12
C THR A 385 -13.61 -2.21 27.72
N PHE A 386 -12.30 -2.11 27.97
CA PHE A 386 -11.60 -3.19 28.65
C PHE A 386 -12.26 -3.53 29.98
N LYS A 387 -12.66 -2.51 30.74
CA LYS A 387 -13.29 -2.78 32.03
C LYS A 387 -14.60 -3.53 31.85
N ARG A 388 -15.33 -3.25 30.77
CA ARG A 388 -16.62 -3.89 30.56
C ARG A 388 -16.48 -5.38 30.29
N ARG A 389 -15.32 -5.84 29.84
CA ARG A 389 -15.11 -7.27 29.57
C ARG A 389 -14.37 -7.99 30.69
N LYS A 390 -14.22 -7.36 31.87
CA LYS A 390 -13.67 -8.09 33.00
C LYS A 390 -14.42 -9.41 33.15
N GLY A 391 -13.67 -10.50 33.24
CA GLY A 391 -14.26 -11.81 33.46
C GLY A 391 -14.94 -12.45 32.27
N LYS A 392 -14.97 -11.79 31.13
CA LYS A 392 -15.46 -12.43 29.91
C LYS A 392 -14.32 -13.24 29.29
N PRO A 393 -14.53 -14.51 28.95
CA PRO A 393 -13.45 -15.26 28.29
C PRO A 393 -13.23 -14.70 26.90
N VAL A 394 -11.99 -14.82 26.43
CA VAL A 394 -11.66 -14.42 25.07
C VAL A 394 -11.01 -15.62 24.39
N GLU A 395 -10.98 -15.58 23.06
CA GLU A 395 -10.33 -16.63 22.27
C GLU A 395 -9.34 -15.96 21.33
N ILE A 396 -8.13 -15.74 21.82
CA ILE A 396 -7.03 -15.23 21.02
C ILE A 396 -6.25 -16.45 20.51
N PRO A 397 -6.24 -16.73 19.21
CA PRO A 397 -5.39 -17.82 18.71
C PRO A 397 -3.95 -17.55 19.11
N ASN A 398 -3.29 -18.57 19.65
CA ASN A 398 -1.92 -18.44 20.14
C ASN A 398 -0.95 -18.63 18.98
N ILE A 399 -1.09 -17.75 17.98
CA ILE A 399 -0.42 -17.90 16.70
C ILE A 399 0.21 -16.57 16.34
N LYS A 400 1.53 -16.55 16.19
CA LYS A 400 2.20 -15.34 15.75
C LYS A 400 3.53 -15.71 15.10
N THR A 401 4.00 -14.83 14.24
CA THR A 401 5.30 -14.98 13.62
C THR A 401 6.23 -13.86 14.07
N LYS A 402 7.54 -14.12 13.93
CA LYS A 402 8.55 -13.08 14.10
C LYS A 402 8.71 -12.30 12.80
N VAL A 403 8.81 -10.98 12.92
CA VAL A 403 8.87 -10.08 11.76
C VAL A 403 10.04 -9.12 11.94
N VAL A 404 11.00 -9.20 11.03
CA VAL A 404 12.03 -8.19 10.87
C VAL A 404 11.60 -7.28 9.73
N ALA A 405 11.63 -5.98 9.96
CA ALA A 405 11.09 -5.01 9.00
C ALA A 405 11.87 -3.72 9.11
N GLY A 406 11.31 -2.63 8.59
CA GLY A 406 11.97 -1.34 8.64
C GLY A 406 12.92 -1.04 7.50
N PHE A 407 12.79 -1.74 6.37
CA PHE A 407 13.72 -1.58 5.26
C PHE A 407 13.26 -0.48 4.32
N SER A 408 13.37 0.76 4.81
CA SER A 408 13.30 1.91 3.93
C SER A 408 14.44 1.82 2.91
N THR A 409 14.37 2.62 1.86
CA THR A 409 15.46 2.63 0.90
C THR A 409 16.74 3.13 1.54
N GLU A 410 16.64 4.14 2.42
CA GLU A 410 17.82 4.59 3.15
C GLU A 410 18.43 3.45 3.96
N ALA A 411 17.59 2.64 4.61
CA ALA A 411 18.10 1.53 5.41
C ALA A 411 18.76 0.47 4.53
N ILE A 412 18.18 0.20 3.36
CA ILE A 412 18.74 -0.80 2.46
C ILE A 412 20.11 -0.34 1.97
N ILE A 413 20.20 0.93 1.55
CA ILE A 413 21.48 1.51 1.16
C ILE A 413 22.49 1.44 2.29
N ASN A 414 22.05 1.73 3.52
CA ASN A 414 22.98 1.67 4.64
C ASN A 414 23.46 0.24 4.87
N ALA A 415 22.56 -0.74 4.78
CA ALA A 415 22.96 -2.13 4.95
C ALA A 415 23.99 -2.52 3.90
N LEU A 416 23.73 -2.17 2.64
CA LEU A 416 24.67 -2.48 1.57
C LEU A 416 26.00 -1.74 1.76
N SER A 417 25.96 -0.54 2.35
CA SER A 417 27.18 0.23 2.49
C SER A 417 28.17 -0.45 3.41
N LYS A 418 27.73 -1.39 4.24
CA LYS A 418 28.66 -2.13 5.06
C LYS A 418 29.54 -3.03 4.23
N LEU A 419 29.13 -3.36 3.00
CA LEU A 419 29.97 -4.11 2.08
C LEU A 419 30.76 -3.22 1.12
N ASN A 420 30.30 -1.98 0.90
CA ASN A 420 31.01 -1.07 0.01
C ASN A 420 30.57 0.34 0.42
N ALA A 421 31.43 1.04 1.17
CA ALA A 421 30.98 2.24 1.87
C ALA A 421 30.64 3.37 0.90
N ASN A 422 31.43 3.55 -0.16
CA ASN A 422 31.26 4.70 -1.02
C ASN A 422 30.58 4.37 -2.34
N ASP A 423 30.16 3.12 -2.54
CA ASP A 423 29.39 2.72 -3.72
C ASP A 423 28.41 1.67 -3.23
N PRO A 424 27.46 2.06 -2.39
CA PRO A 424 26.61 1.06 -1.73
C PRO A 424 25.75 0.23 -2.66
N LEU A 425 25.34 0.77 -3.81
CA LEU A 425 24.53 -0.05 -4.70
C LEU A 425 25.33 -1.09 -5.44
N LYS A 426 26.65 -0.93 -5.53
CA LYS A 426 27.45 -1.86 -6.32
C LYS A 426 27.38 -3.30 -5.83
N PRO A 427 27.45 -3.59 -4.54
CA PRO A 427 27.32 -5.00 -4.13
C PRO A 427 26.03 -5.65 -4.60
N LEU A 428 24.93 -4.91 -4.61
CA LEU A 428 23.69 -5.47 -5.15
C LEU A 428 23.83 -5.74 -6.63
N ILE A 429 24.34 -4.77 -7.40
CA ILE A 429 24.51 -4.96 -8.84
C ILE A 429 25.48 -6.10 -9.12
N ASP A 430 26.59 -6.18 -8.36
CA ASP A 430 27.55 -7.25 -8.57
C ASP A 430 26.88 -8.62 -8.49
N ASN A 431 25.97 -8.79 -7.53
CA ASN A 431 25.32 -10.06 -7.31
C ASN A 431 24.17 -10.31 -8.26
N VAL A 432 23.58 -9.27 -8.84
CA VAL A 432 22.71 -9.48 -9.99
C VAL A 432 23.55 -9.99 -11.17
N VAL A 433 24.71 -9.38 -11.41
CA VAL A 433 25.54 -9.75 -12.55
C VAL A 433 26.04 -11.18 -12.43
N ASN A 434 26.50 -11.58 -11.25
CA ASN A 434 27.03 -12.92 -11.06
C ASN A 434 25.94 -13.98 -10.83
N GLY A 435 24.66 -13.58 -10.79
CA GLY A 435 23.58 -14.54 -10.72
C GLY A 435 23.13 -14.91 -9.33
N ASN A 436 23.82 -14.44 -8.28
CA ASN A 436 23.36 -14.71 -6.93
C ASN A 436 22.01 -14.08 -6.68
N ILE A 437 21.73 -12.96 -7.35
N ILE A 437 21.72 -12.99 -7.37
CA ILE A 437 20.41 -12.35 -7.37
CA ILE A 437 20.40 -12.35 -7.35
C ILE A 437 19.94 -12.40 -8.81
C ILE A 437 19.88 -12.33 -8.79
N ARG A 438 18.83 -13.11 -9.05
CA ARG A 438 18.32 -13.19 -10.41
C ARG A 438 17.66 -11.88 -10.83
N GLY A 439 16.92 -11.25 -9.92
CA GLY A 439 16.26 -9.99 -10.18
C GLY A 439 15.57 -9.57 -8.90
N VAL A 440 14.67 -8.59 -9.03
CA VAL A 440 13.93 -8.05 -7.90
C VAL A 440 12.44 -8.15 -8.22
N CYS A 441 11.64 -8.56 -7.23
CA CYS A 441 10.18 -8.54 -7.34
C CYS A 441 9.58 -7.80 -6.15
N LEU A 442 8.74 -6.81 -6.44
CA LEU A 442 7.97 -6.08 -5.43
C LEU A 442 6.58 -6.70 -5.37
N PHE A 443 6.21 -7.23 -4.20
CA PHE A 443 4.82 -7.63 -3.94
C PHE A 443 4.09 -6.48 -3.28
N ALA A 444 2.90 -6.15 -3.80
CA ALA A 444 2.18 -4.97 -3.39
C ALA A 444 0.69 -5.27 -3.34
N GLY A 445 -0.05 -4.39 -2.68
CA GLY A 445 -1.49 -4.45 -2.74
C GLY A 445 -2.12 -5.36 -1.70
N CYS A 446 -3.37 -5.70 -1.99
CA CYS A 446 -4.35 -6.18 -1.03
C CYS A 446 -4.44 -7.69 -1.00
N ASN A 447 -5.27 -8.22 -0.08
CA ASN A 447 -5.97 -9.49 -0.24
C ASN A 447 -7.32 -9.20 -0.91
N ASN A 448 -7.94 -10.26 -1.45
CA ASN A 448 -9.23 -10.15 -2.16
C ASN A 448 -10.00 -11.41 -1.85
N VAL A 449 -11.26 -11.27 -1.41
CA VAL A 449 -12.05 -12.42 -0.96
C VAL A 449 -12.18 -13.49 -2.04
N LYS A 450 -11.98 -13.14 -3.30
CA LYS A 450 -12.06 -14.13 -4.37
C LYS A 450 -10.92 -15.14 -4.32
N VAL A 451 -9.82 -14.80 -3.66
CA VAL A 451 -8.61 -15.62 -3.64
C VAL A 451 -8.41 -16.11 -2.21
N PRO A 452 -8.21 -17.41 -1.97
CA PRO A 452 -7.92 -17.84 -0.60
C PRO A 452 -6.81 -16.98 -0.01
N GLN A 453 -7.07 -16.41 1.15
CA GLN A 453 -6.24 -15.32 1.65
C GLN A 453 -4.77 -15.73 1.71
N ASP A 454 -3.92 -14.95 1.05
CA ASP A 454 -2.46 -15.03 1.05
C ASP A 454 -1.94 -16.07 0.07
N GLN A 455 -2.80 -16.91 -0.50
CA GLN A 455 -2.32 -18.06 -1.28
C GLN A 455 -1.49 -17.64 -2.49
N ASN A 456 -1.88 -16.56 -3.17
CA ASN A 456 -1.09 -16.15 -4.33
C ASN A 456 0.26 -15.57 -3.88
N PHE A 457 0.24 -14.68 -2.88
CA PHE A 457 1.48 -14.09 -2.42
C PHE A 457 2.49 -15.16 -2.02
N THR A 458 2.07 -16.13 -1.20
CA THR A 458 3.05 -17.11 -0.71
C THR A 458 3.48 -18.10 -1.79
N THR A 459 2.54 -18.53 -2.65
CA THR A 459 2.90 -19.45 -3.72
C THR A 459 3.90 -18.80 -4.67
N ILE A 460 3.62 -17.57 -5.10
CA ILE A 460 4.53 -16.89 -6.02
C ILE A 460 5.86 -16.61 -5.34
N ALA A 461 5.82 -16.08 -4.11
CA ALA A 461 7.05 -15.74 -3.42
C ALA A 461 7.96 -16.96 -3.25
N ARG A 462 7.37 -18.13 -2.91
N ARG A 462 7.37 -18.12 -2.92
CA ARG A 462 8.20 -19.30 -2.70
CA ARG A 462 8.20 -19.30 -2.71
C ARG A 462 8.97 -19.68 -3.96
C ARG A 462 8.97 -19.66 -3.97
N LYS A 463 8.29 -19.69 -5.11
N LYS A 463 8.32 -19.63 -5.13
CA LYS A 463 8.95 -20.01 -6.37
CA LYS A 463 8.98 -20.03 -6.36
C LYS A 463 10.07 -19.01 -6.65
C LYS A 463 10.03 -19.00 -6.79
N LEU A 464 9.78 -17.72 -6.54
CA LEU A 464 10.78 -16.71 -6.87
C LEU A 464 11.98 -16.79 -5.95
N LEU A 465 11.75 -17.00 -4.64
CA LEU A 465 12.88 -17.05 -3.72
C LEU A 465 13.80 -18.22 -4.02
N LYS A 466 13.21 -19.36 -4.40
CA LYS A 466 14.03 -20.53 -4.77
C LYS A 466 14.85 -20.27 -6.03
N GLN A 467 14.41 -19.34 -6.88
CA GLN A 467 15.13 -18.93 -8.07
C GLN A 467 16.00 -17.70 -7.85
N ASN A 468 16.29 -17.38 -6.60
CA ASN A 468 17.27 -16.35 -6.21
C ASN A 468 16.78 -14.93 -6.47
N VAL A 469 15.48 -14.72 -6.49
CA VAL A 469 14.93 -13.38 -6.67
C VAL A 469 14.96 -12.65 -5.34
N LEU A 470 15.46 -11.42 -5.34
CA LEU A 470 15.34 -10.56 -4.18
C LEU A 470 13.91 -10.04 -4.11
N VAL A 471 13.22 -10.33 -3.01
CA VAL A 471 11.80 -10.02 -2.87
C VAL A 471 11.64 -8.91 -1.84
N VAL A 472 10.93 -7.86 -2.24
CA VAL A 472 10.54 -6.76 -1.37
C VAL A 472 9.03 -6.68 -1.38
N ALA A 473 8.46 -6.07 -0.34
CA ALA A 473 7.02 -6.10 -0.18
C ALA A 473 6.54 -4.90 0.60
N THR A 474 5.30 -4.49 0.28
CA THR A 474 4.65 -3.37 0.95
C THR A 474 3.19 -3.73 1.22
N GLY A 475 2.56 -2.90 2.05
CA GLY A 475 1.13 -2.97 2.24
C GLY A 475 0.69 -4.32 2.75
N CYS A 476 -0.44 -4.80 2.25
N CYS A 476 -0.45 -4.78 2.23
CA CYS A 476 -0.98 -6.09 2.65
CA CYS A 476 -0.98 -6.07 2.62
C CYS A 476 -0.32 -7.26 1.92
C CYS A 476 -0.20 -7.22 2.02
N GLY A 477 0.55 -6.97 0.95
CA GLY A 477 1.44 -7.99 0.44
C GLY A 477 2.53 -8.29 1.47
N ALA A 478 3.10 -7.23 2.06
CA ALA A 478 3.97 -7.43 3.21
C ALA A 478 3.22 -8.11 4.34
N GLY A 479 1.97 -7.73 4.56
CA GLY A 479 1.20 -8.37 5.61
C GLY A 479 1.03 -9.86 5.39
N ALA A 480 0.70 -10.26 4.16
CA ALA A 480 0.56 -11.67 3.85
C ALA A 480 1.86 -12.42 4.09
N LEU A 481 2.97 -11.87 3.60
CA LEU A 481 4.24 -12.56 3.74
C LEU A 481 4.70 -12.59 5.20
N MET A 482 4.51 -11.49 5.94
CA MET A 482 4.94 -11.52 7.32
CA MET A 482 4.88 -11.46 7.35
C MET A 482 4.18 -12.56 8.14
N ARG A 483 2.86 -12.69 7.91
CA ARG A 483 2.05 -13.61 8.69
C ARG A 483 2.33 -15.08 8.38
N HIS A 484 3.15 -15.37 7.36
CA HIS A 484 3.55 -16.74 7.02
C HIS A 484 5.05 -16.97 7.17
N GLY A 485 5.74 -16.09 7.90
CA GLY A 485 7.13 -16.31 8.26
C GLY A 485 8.15 -15.81 7.27
N PHE A 486 7.74 -15.09 6.23
CA PHE A 486 8.68 -14.67 5.20
C PHE A 486 9.56 -13.51 5.63
N MET A 487 9.29 -12.89 6.77
CA MET A 487 10.17 -11.87 7.31
CA MET A 487 10.12 -11.84 7.35
C MET A 487 10.90 -12.32 8.56
N ASP A 488 11.02 -13.64 8.74
CA ASP A 488 11.80 -14.22 9.84
C ASP A 488 13.08 -14.81 9.27
N PRO A 489 14.24 -14.27 9.65
CA PRO A 489 15.51 -14.78 9.08
C PRO A 489 15.77 -16.25 9.36
N ALA A 490 15.14 -16.81 10.39
CA ALA A 490 15.29 -18.24 10.65
C ALA A 490 14.76 -19.09 9.51
N ASN A 491 13.95 -18.53 8.62
CA ASN A 491 13.41 -19.26 7.50
C ASN A 491 14.19 -19.08 6.20
N VAL A 492 15.36 -18.44 6.25
CA VAL A 492 16.16 -18.24 5.04
C VAL A 492 16.58 -19.58 4.45
N ASP A 493 17.05 -20.51 5.28
CA ASP A 493 17.56 -21.77 4.75
C ASP A 493 16.46 -22.52 3.98
N GLU A 494 15.25 -22.54 4.52
CA GLU A 494 14.15 -23.28 3.90
C GLU A 494 13.68 -22.62 2.62
N LEU A 495 13.65 -21.29 2.59
CA LEU A 495 12.95 -20.58 1.52
C LEU A 495 13.85 -20.14 0.38
N CYS A 496 15.12 -19.84 0.64
CA CYS A 496 15.94 -19.11 -0.32
C CYS A 496 16.87 -20.04 -1.11
N GLY A 497 16.99 -19.75 -2.40
CA GLY A 497 18.01 -20.37 -3.21
C GLY A 497 19.40 -20.09 -2.67
N ASP A 498 20.37 -20.88 -3.10
CA ASP A 498 21.71 -20.78 -2.52
C ASP A 498 22.32 -19.41 -2.75
N GLY A 499 22.17 -18.87 -3.97
CA GLY A 499 22.77 -17.57 -4.26
C GLY A 499 22.16 -16.45 -3.44
N LEU A 500 20.84 -16.42 -3.35
CA LEU A 500 20.17 -15.41 -2.54
C LEU A 500 20.55 -15.55 -1.08
N LYS A 501 20.57 -16.78 -0.57
CA LYS A 501 20.98 -16.99 0.81
C LYS A 501 22.38 -16.43 1.05
N ALA A 502 23.30 -16.65 0.11
CA ALA A 502 24.66 -16.15 0.26
C ALA A 502 24.65 -14.63 0.40
N VAL A 503 23.87 -13.94 -0.41
CA VAL A 503 23.84 -12.47 -0.36
C VAL A 503 23.17 -11.98 0.91
N LEU A 504 22.02 -12.55 1.26
CA LEU A 504 21.37 -12.11 2.49
C LEU A 504 22.27 -12.34 3.68
N THR A 505 23.03 -13.45 3.67
CA THR A 505 23.95 -13.76 4.75
C THR A 505 25.13 -12.78 4.76
N ALA A 506 25.69 -12.51 3.59
CA ALA A 506 26.82 -11.59 3.52
C ALA A 506 26.42 -10.20 4.04
N ILE A 507 25.25 -9.71 3.63
CA ILE A 507 24.80 -8.40 4.10
C ILE A 507 24.55 -8.43 5.60
N GLY A 508 23.85 -9.45 6.09
CA GLY A 508 23.56 -9.53 7.51
C GLY A 508 24.80 -9.65 8.36
N GLU A 509 25.74 -10.49 7.94
CA GLU A 509 26.97 -10.61 8.71
C GLU A 509 27.77 -9.33 8.72
N ALA A 510 27.70 -8.54 7.64
CA ALA A 510 28.40 -7.27 7.63
C ALA A 510 27.69 -6.23 8.48
N ASN A 511 26.41 -6.44 8.78
CA ASN A 511 25.67 -5.56 9.67
C ASN A 511 25.66 -6.08 11.11
N GLY A 512 26.51 -7.06 11.42
CA GLY A 512 26.70 -7.54 12.77
C GLY A 512 25.60 -8.43 13.29
N LEU A 513 24.85 -9.07 12.40
CA LEU A 513 23.66 -9.82 12.82
C LEU A 513 23.98 -11.24 13.22
N GLY A 514 25.14 -11.77 12.82
CA GLY A 514 25.45 -13.17 13.04
C GLY A 514 24.51 -14.06 12.25
N GLY A 515 23.79 -13.43 11.34
CA GLY A 515 22.77 -14.10 10.58
C GLY A 515 22.32 -13.26 9.41
N PRO A 516 21.49 -13.84 8.55
CA PRO A 516 21.08 -13.14 7.33
C PRO A 516 20.00 -12.09 7.58
N LEU A 517 19.87 -11.21 6.58
CA LEU A 517 18.62 -10.46 6.41
C LEU A 517 17.47 -11.44 6.24
N PRO A 518 16.24 -11.00 6.45
CA PRO A 518 15.10 -11.90 6.30
C PRO A 518 14.84 -12.24 4.84
N PRO A 519 14.05 -13.28 4.57
CA PRO A 519 13.83 -13.70 3.17
C PRO A 519 13.20 -12.64 2.31
N VAL A 520 12.36 -11.79 2.89
CA VAL A 520 11.65 -10.73 2.18
C VAL A 520 11.91 -9.43 2.92
N LEU A 521 12.19 -8.35 2.19
CA LEU A 521 12.42 -7.05 2.80
C LEU A 521 11.13 -6.21 2.81
N HIS A 522 10.67 -5.85 4.00
CA HIS A 522 9.46 -5.06 4.19
C HIS A 522 9.80 -3.59 4.00
N MET A 523 9.29 -2.99 2.91
CA MET A 523 9.55 -1.61 2.58
C MET A 523 8.45 -0.65 3.00
N GLY A 524 7.39 -1.15 3.62
CA GLY A 524 6.47 -0.30 4.36
C GLY A 524 5.04 -0.36 3.85
N SER A 525 4.35 0.76 3.99
CA SER A 525 2.94 0.84 3.67
C SER A 525 2.73 0.97 2.17
N CYS A 526 1.47 1.14 1.74
N CYS A 526 1.48 1.22 1.82
CA CYS A 526 1.21 1.23 0.30
CA CYS A 526 1.18 1.28 0.39
C CYS A 526 1.78 2.52 -0.31
C CYS A 526 1.83 2.50 -0.25
N VAL A 527 1.71 3.66 0.39
CA VAL A 527 2.38 4.84 -0.15
C VAL A 527 3.87 4.57 -0.30
N ASP A 528 4.43 3.73 0.59
CA ASP A 528 5.83 3.36 0.56
C ASP A 528 6.19 2.45 -0.61
N ASN A 529 5.26 2.06 -1.48
CA ASN A 529 5.69 1.60 -2.79
C ASN A 529 6.60 2.63 -3.43
N SER A 530 6.46 3.89 -3.05
CA SER A 530 7.35 4.93 -3.55
C SER A 530 8.80 4.68 -3.14
N ARG A 531 9.02 4.01 -2.01
CA ARG A 531 10.39 3.68 -1.62
C ARG A 531 11.01 2.70 -2.61
N ALA A 532 10.23 1.73 -3.07
CA ALA A 532 10.72 0.83 -4.11
C ALA A 532 11.08 1.61 -5.37
N VAL A 533 10.28 2.62 -5.73
CA VAL A 533 10.62 3.48 -6.86
C VAL A 533 11.97 4.15 -6.62
N ALA A 534 12.17 4.71 -5.43
CA ALA A 534 13.44 5.38 -5.15
C ALA A 534 14.61 4.41 -5.30
N LEU A 535 14.45 3.18 -4.85
CA LEU A 535 15.52 2.20 -4.95
C LEU A 535 15.80 1.84 -6.40
N VAL A 536 14.74 1.57 -7.16
CA VAL A 536 14.89 1.19 -8.56
C VAL A 536 15.44 2.35 -9.39
N ALA A 537 14.97 3.57 -9.12
CA ALA A 537 15.50 4.72 -9.83
C ALA A 537 16.98 4.93 -9.50
N ALA A 538 17.36 4.72 -8.24
CA ALA A 538 18.77 4.87 -7.88
C ALA A 538 19.64 3.83 -8.60
N LEU A 539 19.14 2.60 -8.72
CA LEU A 539 19.86 1.58 -9.47
C LEU A 539 19.97 1.95 -10.94
N ALA A 540 18.86 2.42 -11.53
CA ALA A 540 18.89 2.85 -12.92
C ALA A 540 19.92 3.96 -13.12
N ASN A 541 19.92 4.96 -12.24
CA ASN A 541 20.85 6.06 -12.38
CA ASN A 541 20.85 6.05 -12.39
C ASN A 541 22.29 5.60 -12.23
N ARG A 542 22.54 4.67 -11.30
CA ARG A 542 23.89 4.15 -11.09
C ARG A 542 24.39 3.39 -12.30
N LEU A 543 23.49 2.73 -13.03
CA LEU A 543 23.85 1.94 -14.19
C LEU A 543 23.79 2.73 -15.49
N GLY A 544 23.18 3.91 -15.49
CA GLY A 544 23.06 4.67 -16.72
C GLY A 544 22.06 4.13 -17.70
N VAL A 545 21.05 3.39 -17.22
CA VAL A 545 20.00 2.85 -18.06
C VAL A 545 18.65 3.24 -17.47
N ASP A 546 17.60 3.09 -18.27
CA ASP A 546 16.24 3.35 -17.86
C ASP A 546 15.64 2.13 -17.15
N LEU A 547 14.57 2.38 -16.41
CA LEU A 547 13.99 1.34 -15.56
C LEU A 547 13.47 0.16 -16.37
N ASP A 548 13.06 0.37 -17.62
CA ASP A 548 12.54 -0.71 -18.45
C ASP A 548 13.64 -1.62 -18.99
N ARG A 549 14.90 -1.40 -18.60
CA ARG A 549 15.98 -2.34 -18.87
C ARG A 549 16.39 -3.13 -17.62
N LEU A 550 15.82 -2.83 -16.49
CA LEU A 550 16.26 -3.50 -15.28
C LEU A 550 15.47 -4.78 -15.02
N PRO A 551 16.11 -5.79 -14.40
CA PRO A 551 15.39 -7.04 -14.06
C PRO A 551 14.61 -6.91 -12.76
N VAL A 552 13.58 -6.05 -12.83
CA VAL A 552 12.72 -5.69 -11.72
C VAL A 552 11.28 -5.83 -12.19
N VAL A 553 10.45 -6.50 -11.38
CA VAL A 553 9.04 -6.72 -11.68
C VAL A 553 8.22 -6.41 -10.44
N ALA A 554 6.90 -6.31 -10.62
CA ALA A 554 5.96 -6.11 -9.53
C ALA A 554 4.80 -7.08 -9.64
N SER A 555 4.20 -7.41 -8.49
CA SER A 555 3.06 -8.32 -8.43
C SER A 555 2.04 -7.83 -7.40
N ALA A 556 0.87 -7.42 -7.90
CA ALA A 556 -0.29 -7.13 -7.06
C ALA A 556 -1.11 -8.43 -7.09
N ALA A 557 -0.64 -9.40 -6.32
CA ALA A 557 -1.05 -10.79 -6.51
C ALA A 557 -2.47 -11.05 -6.09
N GLU A 558 -3.06 -10.21 -5.24
CA GLU A 558 -4.42 -10.41 -4.72
C GLU A 558 -5.17 -9.07 -4.66
N ALA A 559 -5.05 -8.27 -5.72
CA ALA A 559 -5.45 -6.86 -5.70
C ALA A 559 -6.95 -6.68 -5.45
N MET A 560 -7.30 -5.57 -4.81
CA MET A 560 -8.70 -5.27 -4.50
C MET A 560 -9.06 -3.80 -4.73
N HIS A 561 -8.33 -2.88 -4.09
CA HIS A 561 -8.75 -1.50 -4.02
C HIS A 561 -8.43 -0.75 -5.30
N GLU A 562 -9.20 0.32 -5.56
CA GLU A 562 -8.87 1.24 -6.64
C GLU A 562 -7.44 1.74 -6.51
N LYS A 563 -6.94 1.92 -5.28
CA LYS A 563 -5.55 2.33 -5.09
C LYS A 563 -4.58 1.30 -5.65
N ALA A 564 -4.92 0.02 -5.59
CA ALA A 564 -4.02 -1.01 -6.13
C ALA A 564 -4.00 -0.99 -7.65
N VAL A 565 -5.14 -0.67 -8.27
CA VAL A 565 -5.18 -0.49 -9.72
C VAL A 565 -4.30 0.70 -10.12
N ALA A 566 -4.38 1.80 -9.37
CA ALA A 566 -3.56 2.97 -9.65
C ALA A 566 -2.08 2.62 -9.55
N ILE A 567 -1.70 1.90 -8.48
CA ILE A 567 -0.30 1.52 -8.27
C ILE A 567 0.18 0.61 -9.39
N GLY A 568 -0.62 -0.40 -9.74
CA GLY A 568 -0.24 -1.27 -10.82
C GLY A 568 -0.02 -0.53 -12.10
N THR A 569 -0.88 0.47 -12.37
CA THR A 569 -0.78 1.23 -13.60
C THR A 569 0.48 2.11 -13.62
N TRP A 570 0.85 2.72 -12.48
CA TRP A 570 2.09 3.49 -12.52
C TRP A 570 3.32 2.60 -12.54
N ALA A 571 3.23 1.40 -11.99
CA ALA A 571 4.35 0.46 -12.14
C ALA A 571 4.61 0.18 -13.63
N VAL A 572 3.54 -0.02 -14.39
CA VAL A 572 3.64 -0.18 -15.84
C VAL A 572 4.20 1.08 -16.48
N THR A 573 3.72 2.24 -16.03
CA THR A 573 4.09 3.50 -16.67
C THR A 573 5.56 3.84 -16.45
N ILE A 574 6.13 3.46 -15.30
CA ILE A 574 7.55 3.73 -15.06
C ILE A 574 8.46 2.68 -15.69
N GLY A 575 7.90 1.61 -16.25
CA GLY A 575 8.66 0.67 -17.05
C GLY A 575 8.71 -0.77 -16.57
N LEU A 576 7.84 -1.16 -15.62
CA LEU A 576 7.99 -2.50 -15.04
C LEU A 576 6.97 -3.50 -15.58
N PRO A 577 7.40 -4.75 -15.81
CA PRO A 577 6.42 -5.83 -15.94
C PRO A 577 5.67 -5.99 -14.62
N THR A 578 4.33 -5.96 -14.69
CA THR A 578 3.49 -5.84 -13.50
C THR A 578 2.40 -6.90 -13.54
N HIS A 579 2.52 -7.88 -12.67
CA HIS A 579 1.53 -8.93 -12.54
C HIS A 579 0.35 -8.46 -11.69
N ILE A 580 -0.87 -8.81 -12.12
CA ILE A 580 -2.07 -8.68 -11.30
C ILE A 580 -2.74 -10.06 -11.23
N GLY A 581 -3.03 -10.50 -10.01
CA GLY A 581 -3.51 -11.86 -9.74
C GLY A 581 -5.00 -12.00 -9.60
N VAL A 582 -5.74 -10.93 -9.82
CA VAL A 582 -7.21 -10.89 -9.87
CA VAL A 582 -7.20 -10.95 -9.90
C VAL A 582 -7.56 -10.27 -11.21
N LEU A 583 -8.73 -10.60 -11.71
CA LEU A 583 -9.13 -10.04 -12.99
C LEU A 583 -9.61 -8.61 -12.82
N PRO A 584 -8.95 -7.63 -13.42
CA PRO A 584 -9.53 -6.31 -13.50
C PRO A 584 -10.60 -6.30 -14.57
N PRO A 585 -11.49 -5.32 -14.57
CA PRO A 585 -12.67 -5.37 -15.48
C PRO A 585 -12.32 -4.92 -16.89
N ILE A 586 -11.48 -5.71 -17.56
CA ILE A 586 -10.95 -5.35 -18.87
C ILE A 586 -11.20 -6.43 -19.92
N THR A 587 -11.57 -7.63 -19.50
CA THR A 587 -11.60 -8.74 -20.45
C THR A 587 -12.71 -8.60 -21.48
N GLY A 588 -13.72 -7.75 -21.23
CA GLY A 588 -14.74 -7.52 -22.21
C GLY A 588 -14.29 -6.73 -23.43
N SER A 589 -13.07 -6.21 -23.44
CA SER A 589 -12.52 -5.54 -24.61
C SER A 589 -11.14 -6.12 -24.93
N LEU A 590 -11.06 -6.87 -26.02
CA LEU A 590 -9.76 -7.40 -26.42
C LEU A 590 -8.82 -6.26 -26.80
N PRO A 591 -9.27 -5.22 -27.52
CA PRO A 591 -8.35 -4.11 -27.81
C PRO A 591 -7.77 -3.45 -26.57
N VAL A 592 -8.57 -3.21 -25.53
CA VAL A 592 -8.02 -2.64 -24.31
C VAL A 592 -7.03 -3.60 -23.66
N THR A 593 -7.40 -4.87 -23.57
CA THR A 593 -6.52 -5.86 -22.97
C THR A 593 -5.20 -5.91 -23.72
N GLN A 594 -5.24 -5.83 -25.05
N GLN A 594 -5.23 -5.84 -25.04
CA GLN A 594 -4.03 -5.89 -25.86
CA GLN A 594 -4.01 -5.90 -25.83
C GLN A 594 -3.15 -4.66 -25.61
C GLN A 594 -3.14 -4.67 -25.62
N ILE A 595 -3.75 -3.49 -25.42
CA ILE A 595 -2.95 -2.31 -25.11
C ILE A 595 -2.25 -2.51 -23.77
N LEU A 596 -3.01 -2.94 -22.75
CA LEU A 596 -2.47 -2.98 -21.39
C LEU A 596 -1.46 -4.08 -21.18
N THR A 597 -1.55 -5.18 -21.94
CA THR A 597 -0.66 -6.33 -21.76
C THR A 597 0.41 -6.42 -22.83
N SER A 598 0.35 -5.61 -23.88
CA SER A 598 1.26 -5.74 -25.01
C SER A 598 1.70 -4.42 -25.61
N SER A 599 0.80 -3.64 -26.22
N SER A 599 0.76 -3.64 -26.16
CA SER A 599 1.34 -2.50 -26.95
CA SER A 599 1.13 -2.44 -26.92
C SER A 599 1.82 -1.36 -26.05
C SER A 599 1.82 -1.41 -26.05
N VAL A 600 1.43 -1.33 -24.77
CA VAL A 600 2.01 -0.33 -23.88
C VAL A 600 3.51 -0.55 -23.74
N LYS A 601 4.01 -1.75 -24.01
CA LYS A 601 5.45 -1.96 -24.00
C LYS A 601 6.15 -0.94 -24.88
N ASP A 602 5.52 -0.57 -25.99
CA ASP A 602 6.13 0.33 -26.96
C ASP A 602 6.02 1.79 -26.53
N ILE A 603 5.24 2.08 -25.49
CA ILE A 603 5.07 3.44 -24.98
C ILE A 603 5.98 3.64 -23.78
N THR A 604 5.86 2.75 -22.78
CA THR A 604 6.59 2.93 -21.52
C THR A 604 7.61 1.84 -21.23
N GLY A 605 7.58 0.73 -21.95
CA GLY A 605 8.44 -0.41 -21.65
C GLY A 605 7.91 -1.35 -20.60
N GLY A 606 6.92 -0.93 -19.81
CA GLY A 606 6.25 -1.82 -18.89
C GLY A 606 5.03 -2.45 -19.53
N TYR A 607 4.37 -3.31 -18.77
CA TYR A 607 3.19 -4.02 -19.28
C TYR A 607 2.56 -4.81 -18.15
N PHE A 608 1.25 -5.00 -18.23
CA PHE A 608 0.55 -5.88 -17.29
C PHE A 608 0.68 -7.34 -17.69
N ILE A 609 0.76 -8.20 -16.67
CA ILE A 609 0.69 -9.66 -16.80
C ILE A 609 -0.54 -10.07 -15.99
N VAL A 610 -1.64 -10.42 -16.66
CA VAL A 610 -2.86 -10.81 -15.97
C VAL A 610 -2.82 -12.33 -15.85
N GLU A 611 -2.74 -12.85 -14.63
CA GLU A 611 -2.66 -14.30 -14.45
C GLU A 611 -3.18 -14.69 -13.09
N LEU A 612 -4.30 -15.43 -13.08
CA LEU A 612 -4.95 -15.83 -11.84
C LEU A 612 -4.36 -17.09 -11.21
N ASP A 613 -3.68 -17.92 -11.98
CA ASP A 613 -3.05 -19.11 -11.41
CA ASP A 613 -3.05 -19.12 -11.43
C ASP A 613 -1.67 -18.74 -10.89
N PRO A 614 -1.42 -18.87 -9.57
CA PRO A 614 -0.16 -18.33 -9.04
C PRO A 614 1.08 -19.06 -9.49
N GLU A 615 1.05 -20.40 -9.66
CA GLU A 615 2.22 -21.06 -10.20
C GLU A 615 2.56 -20.54 -11.60
N THR A 616 1.53 -20.32 -12.43
CA THR A 616 1.76 -19.80 -13.77
C THR A 616 2.26 -18.35 -13.70
N ALA A 617 1.71 -17.56 -12.77
CA ALA A 617 2.15 -16.18 -12.59
C ALA A 617 3.63 -16.13 -12.23
N ALA A 618 4.08 -17.04 -11.35
CA ALA A 618 5.50 -17.07 -10.99
C ALA A 618 6.36 -17.36 -12.22
N ASP A 619 5.94 -18.32 -13.05
CA ASP A 619 6.72 -18.62 -14.25
C ASP A 619 6.78 -17.42 -15.18
N LYS A 620 5.67 -16.68 -15.31
CA LYS A 620 5.62 -15.51 -16.17
C LYS A 620 6.47 -14.38 -15.61
N LEU A 621 6.48 -14.20 -14.28
CA LEU A 621 7.34 -13.19 -13.68
C LEU A 621 8.81 -13.54 -13.86
N LEU A 622 9.16 -14.82 -13.69
CA LEU A 622 10.54 -15.23 -13.90
C LEU A 622 10.95 -15.03 -15.35
N ALA A 623 10.05 -15.33 -16.29
CA ALA A 623 10.36 -15.09 -17.69
C ALA A 623 10.58 -13.60 -17.95
N ALA A 624 9.78 -12.74 -17.33
CA ALA A 624 9.98 -11.30 -17.51
C ALA A 624 11.33 -10.87 -16.95
N ILE A 625 11.69 -11.36 -15.76
CA ILE A 625 13.00 -11.05 -15.17
C ILE A 625 14.11 -11.52 -16.10
N ASN A 626 14.02 -12.77 -16.57
CA ASN A 626 15.08 -13.33 -17.37
C ASN A 626 15.18 -12.66 -18.73
N GLU A 627 14.06 -12.19 -19.29
N GLU A 627 14.05 -12.20 -19.29
CA GLU A 627 14.12 -11.41 -20.52
CA GLU A 627 14.12 -11.43 -20.52
C GLU A 627 14.92 -10.13 -20.30
C GLU A 627 14.89 -10.14 -20.32
N ARG A 628 14.70 -9.46 -19.16
N ARG A 628 14.69 -9.48 -19.18
CA ARG A 628 15.49 -8.28 -18.85
CA ARG A 628 15.47 -8.29 -18.87
C ARG A 628 16.96 -8.62 -18.69
C ARG A 628 16.96 -8.63 -18.70
N ARG A 629 17.26 -9.72 -18.00
CA ARG A 629 18.66 -10.15 -17.88
C ARG A 629 19.29 -10.35 -19.25
N ALA A 630 18.58 -11.03 -20.15
CA ALA A 630 19.14 -11.26 -21.48
C ALA A 630 19.36 -9.95 -22.22
N GLY A 631 18.47 -8.97 -22.01
CA GLY A 631 18.61 -7.69 -22.66
C GLY A 631 19.85 -6.95 -22.22
N LEU A 632 20.32 -7.21 -21.01
CA LEU A 632 21.56 -6.64 -20.49
C LEU A 632 22.77 -7.49 -20.80
N GLY A 633 22.59 -8.59 -21.53
CA GLY A 633 23.69 -9.46 -21.85
C GLY A 633 24.12 -10.39 -20.74
N LEU A 634 23.25 -10.64 -19.75
CA LEU A 634 23.61 -11.47 -18.61
C LEU A 634 23.13 -12.90 -18.80
N PRO A 635 23.85 -13.86 -18.23
CA PRO A 635 23.32 -15.22 -18.16
C PRO A 635 22.05 -15.25 -17.33
N TRP A 636 21.22 -16.26 -17.59
CA TRP A 636 19.99 -16.45 -16.84
C TRP A 636 19.61 -17.93 -16.84
FE1 SF4 B . -24.93 6.83 -20.71
FE2 SF4 B . -25.14 4.30 -21.66
FE3 SF4 B . -22.87 5.10 -20.50
FE4 SF4 B . -23.47 6.05 -22.95
S1 SF4 B . -22.97 3.91 -22.47
S2 SF4 B . -22.67 7.23 -21.12
S3 SF4 B . -25.78 6.15 -22.75
S4 SF4 B . -24.92 4.95 -19.47
FE1 FES C . -24.02 -3.29 -14.52
FE2 FES C . -24.18 -5.80 -13.57
S1 FES C . -25.19 -4.95 -15.44
S2 FES C . -22.52 -4.37 -13.19
NI WCC D . -3.06 -0.73 -0.10
FE1 WCC D . -5.89 -1.30 1.50
FE3 WCC D . -4.98 -2.83 -0.37
FE4 WCC D . -4.14 -3.16 2.22
S1 WCC D . -2.86 -2.94 0.40
S2 WCC D . -6.30 -3.59 1.44
S3 WCC D . -4.52 -1.21 3.31
S4 WCC D . -5.18 -0.67 -0.57
FE FE E . -3.40 0.64 2.39
FE FE E . -2.49 -0.31 2.16
C1 PEG F . -24.17 -12.89 -14.56
O1 PEG F . -25.10 -13.51 -13.70
C2 PEG F . -24.84 -12.07 -15.65
O2 PEG F . -23.93 -11.74 -16.67
C3 PEG F . -24.17 -12.42 -17.88
C4 PEG F . -22.87 -12.67 -18.61
O4 PEG F . -22.29 -11.44 -18.98
H11 PEG F . -23.60 -13.55 -14.99
H12 PEG F . -23.58 -12.30 -14.07
HO1 PEG F . -24.69 -13.71 -12.98
H21 PEG F . -25.22 -11.28 -15.24
H22 PEG F . -25.59 -12.60 -15.99
H31 PEG F . -24.76 -11.89 -18.45
H32 PEG F . -24.62 -13.26 -17.73
H41 PEG F . -23.06 -13.23 -19.37
H42 PEG F . -22.31 -13.18 -18.01
HO4 PEG F . -22.44 -10.87 -18.35
C1 PEG G . -27.67 -9.53 -14.22
O1 PEG G . -27.60 -8.34 -14.97
C2 PEG G . -27.27 -9.24 -12.79
O2 PEG G . -27.40 -10.37 -11.97
C3 PEG G . -26.19 -10.69 -11.35
C4 PEG G . -26.16 -12.11 -10.85
O4 PEG G . -25.81 -12.98 -11.91
H11 PEG G . -27.09 -10.22 -14.57
H12 PEG G . -28.57 -9.90 -14.21
HO1 PEG G . -27.80 -8.53 -15.77
H21 PEG G . -27.81 -8.50 -12.47
H22 PEG G . -26.35 -8.91 -12.80
H31 PEG G . -26.03 -10.09 -10.60
H32 PEG G . -25.45 -10.55 -11.97
H41 PEG G . -27.05 -12.31 -10.50
H42 PEG G . -25.54 -12.15 -10.12
HO4 PEG G . -26.35 -12.85 -12.55
#